data_5KSI
#
_entry.id   5KSI
#
_cell.length_a   95.940
_cell.length_b   98.080
_cell.length_c   65.140
_cell.angle_alpha   90.00
_cell.angle_beta   90.00
_cell.angle_gamma   90.00
#
_symmetry.space_group_name_H-M   'P 21 21 2'
#
loop_
_entity.id
_entity.type
_entity.pdbx_description
1 polymer 'Hemoglobin subunit alpha'
2 polymer 'Hemoglobin subunit beta'
3 non-polymer 'PROTOPORPHYRIN IX CONTAINING FE'
4 non-polymer '(2S,3R,4E)-2-amino-3-hydroxyoctadec-4-en-1-yl dihydrogen phosphate'
5 non-polymer '(2R)-2,3-diphosphoglyceric acid'
6 water water
#
loop_
_entity_poly.entity_id
_entity_poly.type
_entity_poly.pdbx_seq_one_letter_code
_entity_poly.pdbx_strand_id
1 'polypeptide(L)'
;VLSPADKTNVKAAWGKVGAHAGEYGAEALERMFLSFPTTKTYFPHFDLSHGSAQVKGHGKKVADALTNAVAHVDDMPNAL
SALSDLHAHKLRVDPVNFKLLSHCLLVTLAAHLPAEFTPAVHASLDKFLASVSTVLTSKYR
;
A,C
2 'polypeptide(L)'
;VHLTPEEKSAVTALWGKVNVDEVGGEALGRLLVVYPWTQRFFESFGDLSTPDAVMGNPKVKAHGKKVLGAFSDGLAHLDN
LKGTFATLSELHCDKLHVDPENFRLLGNVLVCVLAHHFGKEFTPPVQAAYQKVVAGVANALAHKYH
;
B,D
#
loop_
_chem_comp.id
_chem_comp.type
_chem_comp.name
_chem_comp.formula
DG2 non-polymer '(2R)-2,3-diphosphoglyceric acid' 'C3 H8 O10 P2'
HEM non-polymer 'PROTOPORPHYRIN IX CONTAINING FE' 'C34 H32 Fe N4 O4'
S1P non-polymer '(2S,3R,4E)-2-amino-3-hydroxyoctadec-4-en-1-yl dihydrogen phosphate' 'C18 H38 N O5 P'
#
# COMPACT_ATOMS: atom_id res chain seq x y z
N VAL A 1 17.76 -2.78 4.77
CA VAL A 1 19.21 -2.63 4.44
C VAL A 1 19.66 -3.71 3.46
N LEU A 2 20.57 -3.34 2.57
CA LEU A 2 21.11 -4.27 1.58
C LEU A 2 22.35 -4.94 2.15
N SER A 3 22.33 -6.26 2.20
CA SER A 3 23.45 -7.04 2.73
C SER A 3 24.54 -7.12 1.66
N PRO A 4 25.74 -7.61 2.04
CA PRO A 4 26.83 -7.73 1.07
C PRO A 4 26.38 -8.63 -0.07
N ALA A 5 25.62 -9.67 0.25
CA ALA A 5 25.13 -10.59 -0.78
C ALA A 5 24.21 -9.85 -1.75
N ASP A 6 23.31 -9.00 -1.23
CA ASP A 6 22.40 -8.24 -2.09
C ASP A 6 23.19 -7.37 -3.08
N LYS A 7 24.20 -6.65 -2.57
CA LYS A 7 24.98 -5.77 -3.41
C LYS A 7 25.67 -6.52 -4.54
N THR A 8 26.23 -7.67 -4.20
CA THR A 8 26.89 -8.52 -5.18
C THR A 8 25.87 -8.98 -6.22
N ASN A 9 24.69 -9.41 -5.75
CA ASN A 9 23.64 -9.88 -6.64
C ASN A 9 23.18 -8.78 -7.59
N VAL A 10 22.97 -7.59 -7.05
CA VAL A 10 22.50 -6.48 -7.88
C VAL A 10 23.53 -6.06 -8.92
N LYS A 11 24.78 -5.93 -8.49
CA LYS A 11 25.85 -5.54 -9.39
C LYS A 11 25.98 -6.52 -10.54
N ALA A 12 25.89 -7.81 -10.23
CA ALA A 12 26.00 -8.84 -11.26
C ALA A 12 24.85 -8.80 -12.25
N ALA A 13 23.61 -8.76 -11.74
CA ALA A 13 22.46 -8.74 -12.62
C ALA A 13 22.38 -7.47 -13.47
N TRP A 14 22.57 -6.32 -12.84
CA TRP A 14 22.50 -5.05 -13.57
C TRP A 14 23.65 -4.93 -14.56
N GLY A 15 24.79 -5.51 -14.20
CA GLY A 15 25.95 -5.47 -15.06
C GLY A 15 25.66 -6.17 -16.37
N LYS A 16 24.85 -7.21 -16.29
CA LYS A 16 24.46 -7.99 -17.46
C LYS A 16 23.51 -7.20 -18.36
N VAL A 17 22.78 -6.25 -17.77
CA VAL A 17 21.86 -5.43 -18.54
C VAL A 17 22.62 -4.68 -19.61
N GLY A 18 23.77 -4.13 -19.21
CA GLY A 18 24.61 -3.41 -20.15
C GLY A 18 23.97 -2.33 -21.01
N ALA A 19 24.20 -2.41 -22.31
CA ALA A 19 23.69 -1.42 -23.25
C ALA A 19 22.18 -1.47 -23.44
N HIS A 20 21.52 -2.42 -22.77
CA HIS A 20 20.08 -2.55 -22.89
C HIS A 20 19.34 -1.74 -21.80
N ALA A 21 20.10 -1.10 -20.92
CA ALA A 21 19.52 -0.33 -19.82
C ALA A 21 18.35 0.57 -20.23
N GLY A 22 18.59 1.49 -21.17
CA GLY A 22 17.53 2.38 -21.63
C GLY A 22 16.34 1.63 -22.19
N GLU A 23 16.61 0.57 -22.93
CA GLU A 23 15.55 -0.26 -23.51
C GLU A 23 14.69 -0.86 -22.41
N TYR A 24 15.33 -1.45 -21.40
CA TYR A 24 14.59 -2.07 -20.30
C TYR A 24 13.81 -1.05 -19.49
N GLY A 25 14.38 0.12 -19.29
CA GLY A 25 13.65 1.16 -18.56
C GLY A 25 12.40 1.56 -19.31
N ALA A 26 12.50 1.74 -20.62
CA ALA A 26 11.35 2.11 -21.44
C ALA A 26 10.31 1.00 -21.41
N GLU A 27 10.77 -0.25 -21.48
CA GLU A 27 9.85 -1.39 -21.43
C GLU A 27 9.14 -1.44 -20.09
N ALA A 28 9.88 -1.20 -19.02
CA ALA A 28 9.30 -1.23 -17.69
C ALA A 28 8.20 -0.17 -17.58
N LEU A 29 8.46 1.00 -18.17
CA LEU A 29 7.48 2.08 -18.13
C LEU A 29 6.22 1.68 -18.89
N GLU A 30 6.40 1.09 -20.07
CA GLU A 30 5.23 0.70 -20.86
C GLU A 30 4.39 -0.32 -20.13
N ARG A 31 5.03 -1.28 -19.47
CA ARG A 31 4.33 -2.31 -18.70
C ARG A 31 3.54 -1.65 -17.56
N MET A 32 4.14 -0.66 -16.92
CA MET A 32 3.48 0.04 -15.83
C MET A 32 2.23 0.79 -16.32
N PHE A 33 2.38 1.54 -17.42
CA PHE A 33 1.25 2.30 -17.95
C PHE A 33 0.08 1.42 -18.35
N LEU A 34 0.40 0.25 -18.90
CA LEU A 34 -0.63 -0.68 -19.35
C LEU A 34 -1.25 -1.46 -18.20
N SER A 35 -0.42 -1.93 -17.28
CA SER A 35 -0.90 -2.71 -16.14
C SER A 35 -1.60 -1.89 -15.06
N PHE A 36 -1.06 -0.70 -14.80
CA PHE A 36 -1.58 0.19 -13.75
C PHE A 36 -1.80 1.57 -14.40
N PRO A 37 -2.89 1.71 -15.18
CA PRO A 37 -3.16 2.98 -15.84
C PRO A 37 -3.22 4.23 -14.99
N THR A 38 -3.42 4.09 -13.68
CA THR A 38 -3.44 5.30 -12.85
C THR A 38 -2.08 6.01 -12.86
N THR A 39 -1.01 5.27 -13.15
CA THR A 39 0.33 5.88 -13.19
C THR A 39 0.44 6.86 -14.37
N LYS A 40 -0.48 6.76 -15.33
CA LYS A 40 -0.45 7.66 -16.48
C LYS A 40 -0.81 9.10 -16.06
N THR A 41 -1.46 9.26 -14.91
CA THR A 41 -1.82 10.59 -14.42
C THR A 41 -0.59 11.47 -14.22
N TYR A 42 0.60 10.87 -14.18
CA TYR A 42 1.83 11.62 -13.99
C TYR A 42 2.50 12.01 -15.29
N PHE A 43 2.01 11.52 -16.42
CA PHE A 43 2.61 11.83 -17.71
C PHE A 43 1.58 12.33 -18.75
N PRO A 44 0.74 13.29 -18.36
CA PRO A 44 -0.26 13.81 -19.32
C PRO A 44 0.41 14.57 -20.47
N HIS A 45 1.64 15.00 -20.23
CA HIS A 45 2.40 15.75 -21.24
C HIS A 45 3.20 14.81 -22.16
N PHE A 46 3.03 13.51 -21.98
CA PHE A 46 3.74 12.52 -22.81
C PHE A 46 2.86 11.83 -23.83
N ASP A 47 3.46 11.52 -24.97
CA ASP A 47 2.76 10.70 -25.93
C ASP A 47 3.12 9.35 -25.29
N LEU A 48 2.12 8.58 -24.88
CA LEU A 48 2.38 7.30 -24.25
C LEU A 48 2.14 6.10 -25.16
N SER A 49 2.02 6.34 -26.47
CA SER A 49 1.78 5.24 -27.37
C SER A 49 3.03 4.37 -27.48
N HIS A 50 2.86 3.14 -27.97
CA HIS A 50 3.99 2.23 -28.10
C HIS A 50 5.06 2.81 -29.00
N GLY A 51 6.32 2.69 -28.59
CA GLY A 51 7.40 3.21 -29.40
C GLY A 51 7.64 4.70 -29.21
N SER A 52 6.82 5.33 -28.38
CA SER A 52 6.97 6.76 -28.10
C SER A 52 8.42 7.13 -27.79
N ALA A 53 8.91 8.20 -28.41
CA ALA A 53 10.27 8.66 -28.18
C ALA A 53 10.41 9.27 -26.79
N GLN A 54 9.32 9.85 -26.28
CA GLN A 54 9.37 10.45 -24.95
C GLN A 54 9.52 9.34 -23.92
N VAL A 55 8.81 8.24 -24.12
CA VAL A 55 8.90 7.13 -23.18
C VAL A 55 10.28 6.51 -23.28
N LYS A 56 10.77 6.33 -24.50
CA LYS A 56 12.10 5.77 -24.71
C LYS A 56 13.13 6.66 -24.03
N GLY A 57 12.97 7.97 -24.20
CA GLY A 57 13.91 8.91 -23.59
C GLY A 57 13.87 8.84 -22.07
N HIS A 58 12.67 8.75 -21.52
CA HIS A 58 12.52 8.69 -20.08
C HIS A 58 13.08 7.36 -19.55
N GLY A 59 12.84 6.29 -20.31
CA GLY A 59 13.32 4.98 -19.91
C GLY A 59 14.82 5.02 -19.73
N LYS A 60 15.48 5.77 -20.59
CA LYS A 60 16.94 5.88 -20.51
C LYS A 60 17.37 6.63 -19.27
N LYS A 61 16.65 7.70 -18.94
CA LYS A 61 17.00 8.49 -17.77
C LYS A 61 16.85 7.65 -16.52
N VAL A 62 15.75 6.90 -16.43
CA VAL A 62 15.46 6.05 -15.28
C VAL A 62 16.54 4.99 -15.12
N ALA A 63 16.90 4.36 -16.24
CA ALA A 63 17.94 3.34 -16.24
C ALA A 63 19.29 3.91 -15.79
N ASP A 64 19.66 5.07 -16.31
CA ASP A 64 20.92 5.68 -15.91
C ASP A 64 20.94 6.01 -14.41
N ALA A 65 19.80 6.39 -13.85
CA ALA A 65 19.74 6.71 -12.43
C ALA A 65 19.97 5.42 -11.62
N LEU A 66 19.38 4.32 -12.09
CA LEU A 66 19.56 3.03 -11.42
C LEU A 66 21.05 2.61 -11.51
N THR A 67 21.67 2.83 -12.66
CA THR A 67 23.09 2.47 -12.84
C THR A 67 23.93 3.25 -11.84
N ASN A 68 23.59 4.52 -11.69
CA ASN A 68 24.30 5.38 -10.76
C ASN A 68 24.10 4.86 -9.34
N ALA A 69 22.89 4.40 -9.01
CA ALA A 69 22.60 3.88 -7.68
C ALA A 69 23.37 2.59 -7.42
N VAL A 70 23.44 1.72 -8.42
CA VAL A 70 24.19 0.48 -8.27
C VAL A 70 25.67 0.80 -8.03
N ALA A 71 26.21 1.72 -8.81
CA ALA A 71 27.61 2.11 -8.68
C ALA A 71 27.91 2.75 -7.32
N HIS A 72 26.89 3.33 -6.70
CA HIS A 72 27.07 3.97 -5.39
C HIS A 72 26.14 3.34 -4.36
N VAL A 73 25.99 2.03 -4.42
CA VAL A 73 25.10 1.33 -3.52
C VAL A 73 25.40 1.52 -2.03
N ASP A 74 26.64 1.85 -1.68
CA ASP A 74 27.01 2.07 -0.28
C ASP A 74 26.55 3.43 0.25
N ASP A 75 26.14 4.32 -0.64
CA ASP A 75 25.66 5.63 -0.22
C ASP A 75 24.70 6.20 -1.23
N MET A 76 23.58 5.53 -1.41
CA MET A 76 22.58 5.97 -2.35
C MET A 76 21.93 7.31 -2.01
N PRO A 77 21.72 7.61 -0.72
CA PRO A 77 21.10 8.89 -0.36
C PRO A 77 21.85 10.09 -0.94
N ASN A 78 23.18 10.04 -0.90
CA ASN A 78 23.95 11.16 -1.44
C ASN A 78 24.04 11.06 -2.95
N ALA A 79 24.20 9.86 -3.48
CA ALA A 79 24.29 9.67 -4.93
C ALA A 79 23.01 10.16 -5.62
N LEU A 80 21.87 9.90 -5.00
CA LEU A 80 20.59 10.28 -5.56
C LEU A 80 19.99 11.55 -4.97
N SER A 81 20.79 12.34 -4.25
CA SER A 81 20.27 13.55 -3.60
C SER A 81 19.44 14.51 -4.48
N ALA A 82 19.96 14.87 -5.66
CA ALA A 82 19.23 15.80 -6.53
C ALA A 82 17.94 15.14 -7.02
N LEU A 83 17.99 13.84 -7.23
CA LEU A 83 16.82 13.11 -7.71
C LEU A 83 15.76 13.04 -6.64
N SER A 84 16.15 12.82 -5.38
CA SER A 84 15.15 12.77 -4.31
C SER A 84 14.58 14.18 -4.10
N ASP A 85 15.40 15.21 -4.31
CA ASP A 85 14.91 16.58 -4.18
C ASP A 85 13.84 16.82 -5.26
N LEU A 86 14.14 16.38 -6.49
CA LEU A 86 13.21 16.57 -7.59
C LEU A 86 11.84 15.90 -7.37
N HIS A 87 11.82 14.65 -6.93
CA HIS A 87 10.53 13.98 -6.71
C HIS A 87 9.80 14.55 -5.48
N ALA A 88 10.54 14.98 -4.45
CA ALA A 88 9.89 15.52 -3.27
C ALA A 88 9.31 16.93 -3.42
N HIS A 89 10.06 17.81 -4.08
CA HIS A 89 9.65 19.21 -4.22
C HIS A 89 8.89 19.61 -5.47
N LYS A 90 9.07 18.85 -6.54
CA LYS A 90 8.42 19.18 -7.79
C LYS A 90 7.46 18.10 -8.32
N LEU A 91 8.00 16.96 -8.76
CA LEU A 91 7.19 15.89 -9.32
C LEU A 91 6.09 15.45 -8.36
N ARG A 92 6.47 15.19 -7.12
CA ARG A 92 5.53 14.80 -6.07
C ARG A 92 4.61 13.62 -6.42
N VAL A 93 5.22 12.59 -6.98
CA VAL A 93 4.56 11.36 -7.37
C VAL A 93 4.13 10.70 -6.05
N ASP A 94 2.86 10.30 -5.93
CA ASP A 94 2.46 9.66 -4.67
C ASP A 94 3.34 8.44 -4.42
N PRO A 95 3.81 8.25 -3.17
CA PRO A 95 4.67 7.11 -2.82
C PRO A 95 4.14 5.74 -3.26
N VAL A 96 2.82 5.57 -3.34
CA VAL A 96 2.27 4.27 -3.71
C VAL A 96 2.71 3.79 -5.10
N ASN A 97 3.09 4.73 -5.97
CA ASN A 97 3.46 4.37 -7.34
C ASN A 97 4.84 3.73 -7.54
N PHE A 98 5.76 3.99 -6.62
CA PHE A 98 7.10 3.42 -6.74
C PHE A 98 7.15 1.90 -6.77
N LYS A 99 6.31 1.22 -5.99
CA LYS A 99 6.31 -0.24 -6.01
C LYS A 99 5.78 -0.73 -7.35
N LEU A 100 4.93 0.08 -7.98
CA LEU A 100 4.38 -0.28 -9.28
C LEU A 100 5.48 -0.26 -10.34
N LEU A 101 6.28 0.80 -10.40
CA LEU A 101 7.35 0.82 -11.38
C LEU A 101 8.41 -0.23 -11.00
N SER A 102 8.64 -0.41 -9.69
CA SER A 102 9.62 -1.41 -9.22
C SER A 102 9.21 -2.81 -9.71
N HIS A 103 7.93 -3.13 -9.54
CA HIS A 103 7.41 -4.43 -9.98
C HIS A 103 7.62 -4.64 -11.48
N CYS A 104 7.34 -3.60 -12.25
CA CYS A 104 7.49 -3.69 -13.69
C CYS A 104 8.94 -3.82 -14.14
N LEU A 105 9.85 -3.23 -13.37
CA LEU A 105 11.28 -3.34 -13.64
C LEU A 105 11.70 -4.79 -13.38
N LEU A 106 11.17 -5.39 -12.30
CA LEU A 106 11.49 -6.77 -11.98
C LEU A 106 10.99 -7.70 -13.09
N VAL A 107 9.78 -7.45 -13.58
CA VAL A 107 9.19 -8.26 -14.63
C VAL A 107 10.03 -8.18 -15.88
N THR A 108 10.44 -6.96 -16.19
CA THR A 108 11.27 -6.70 -17.37
C THR A 108 12.57 -7.49 -17.25
N LEU A 109 13.23 -7.37 -16.10
CA LEU A 109 14.49 -8.10 -15.90
C LEU A 109 14.28 -9.61 -16.02
N ALA A 110 13.23 -10.14 -15.38
CA ALA A 110 12.93 -11.58 -15.47
C ALA A 110 12.76 -12.02 -16.92
N ALA A 111 12.11 -11.18 -17.72
CA ALA A 111 11.87 -11.49 -19.12
C ALA A 111 13.13 -11.46 -19.98
N HIS A 112 14.14 -10.72 -19.56
CA HIS A 112 15.37 -10.60 -20.35
C HIS A 112 16.61 -11.28 -19.78
N LEU A 113 16.57 -11.69 -18.52
CA LEU A 113 17.71 -12.32 -17.87
C LEU A 113 17.32 -13.69 -17.34
N PRO A 114 16.98 -14.62 -18.23
CA PRO A 114 16.61 -15.97 -17.80
C PRO A 114 17.61 -16.67 -16.89
N ALA A 115 18.89 -16.61 -17.25
CA ALA A 115 19.92 -17.26 -16.44
C ALA A 115 20.20 -16.58 -15.10
N GLU A 116 20.24 -15.25 -15.09
CA GLU A 116 20.57 -14.51 -13.89
C GLU A 116 19.47 -14.26 -12.86
N PHE A 117 18.21 -14.39 -13.28
CA PHE A 117 17.09 -14.09 -12.39
C PHE A 117 16.72 -15.23 -11.45
N THR A 118 17.69 -15.64 -10.63
CA THR A 118 17.48 -16.72 -9.64
C THR A 118 16.66 -16.17 -8.49
N PRO A 119 16.12 -17.06 -7.64
CA PRO A 119 15.32 -16.59 -6.51
C PRO A 119 16.11 -15.62 -5.62
N ALA A 120 17.38 -15.93 -5.37
CA ALA A 120 18.18 -15.04 -4.53
C ALA A 120 18.38 -13.66 -5.18
N VAL A 121 18.62 -13.64 -6.49
CA VAL A 121 18.84 -12.37 -7.19
C VAL A 121 17.56 -11.55 -7.25
N HIS A 122 16.45 -12.26 -7.45
CA HIS A 122 15.11 -11.68 -7.51
C HIS A 122 14.89 -11.00 -6.15
N ALA A 123 15.19 -11.71 -5.06
CA ALA A 123 15.01 -11.12 -3.74
C ALA A 123 15.86 -9.88 -3.57
N SER A 124 17.13 -9.95 -3.99
CA SER A 124 18.06 -8.85 -3.86
C SER A 124 17.61 -7.64 -4.67
N LEU A 125 17.16 -7.89 -5.90
CA LEU A 125 16.70 -6.81 -6.77
C LEU A 125 15.45 -6.16 -6.20
N ASP A 126 14.55 -6.96 -5.64
CA ASP A 126 13.34 -6.40 -5.07
C ASP A 126 13.74 -5.48 -3.91
N LYS A 127 14.64 -5.95 -3.04
CA LYS A 127 15.10 -5.12 -1.92
C LYS A 127 15.76 -3.85 -2.42
N PHE A 128 16.62 -3.99 -3.43
CA PHE A 128 17.32 -2.85 -4.01
C PHE A 128 16.34 -1.80 -4.55
N LEU A 129 15.32 -2.22 -5.30
CA LEU A 129 14.38 -1.24 -5.86
C LEU A 129 13.58 -0.58 -4.76
N ALA A 130 13.35 -1.32 -3.67
CA ALA A 130 12.63 -0.78 -2.52
C ALA A 130 13.52 0.27 -1.86
N SER A 131 14.81 -0.01 -1.76
CA SER A 131 15.74 0.94 -1.17
C SER A 131 15.79 2.23 -2.00
N VAL A 132 15.87 2.09 -3.31
CA VAL A 132 15.92 3.24 -4.20
C VAL A 132 14.63 4.03 -4.06
N SER A 133 13.49 3.33 -3.99
CA SER A 133 12.20 4.01 -3.86
C SER A 133 12.15 4.77 -2.53
N THR A 134 12.66 4.16 -1.46
CA THR A 134 12.68 4.80 -0.15
C THR A 134 13.51 6.07 -0.19
N VAL A 135 14.68 6.02 -0.81
CA VAL A 135 15.53 7.20 -0.92
C VAL A 135 14.80 8.29 -1.72
N LEU A 136 14.16 7.89 -2.83
CA LEU A 136 13.46 8.87 -3.65
C LEU A 136 12.23 9.49 -2.98
N THR A 137 11.70 8.86 -1.93
CA THR A 137 10.54 9.45 -1.24
C THR A 137 10.94 9.97 0.15
N SER A 138 12.22 9.86 0.48
CA SER A 138 12.70 10.29 1.80
C SER A 138 12.55 11.76 2.18
N LYS A 139 12.40 12.64 1.19
CA LYS A 139 12.29 14.06 1.49
C LYS A 139 10.87 14.58 1.33
N TYR A 140 9.93 13.69 1.11
CA TYR A 140 8.55 14.09 0.90
C TYR A 140 7.87 14.95 1.94
N ARG A 141 8.24 14.79 3.21
CA ARG A 141 7.64 15.61 4.25
C ARG A 141 8.48 15.52 5.51
N VAL B 1 -12.06 -3.28 -13.08
CA VAL B 1 -11.81 -3.49 -14.54
C VAL B 1 -11.63 -4.96 -14.86
N HIS B 2 -12.64 -5.56 -15.48
CA HIS B 2 -12.55 -6.98 -15.85
C HIS B 2 -11.83 -7.14 -17.17
N LEU B 3 -11.77 -8.38 -17.65
CA LEU B 3 -11.09 -8.69 -18.89
C LEU B 3 -11.91 -8.49 -20.15
N THR B 4 -11.25 -7.96 -21.18
CA THR B 4 -11.90 -7.78 -22.46
C THR B 4 -11.80 -9.17 -23.08
N PRO B 5 -12.62 -9.46 -24.09
CA PRO B 5 -12.58 -10.79 -24.73
C PRO B 5 -11.16 -11.15 -25.19
N GLU B 6 -10.45 -10.16 -25.72
CA GLU B 6 -9.10 -10.35 -26.20
C GLU B 6 -8.16 -10.69 -25.06
N GLU B 7 -8.32 -10.00 -23.93
CA GLU B 7 -7.49 -10.27 -22.77
C GLU B 7 -7.77 -11.67 -22.26
N LYS B 8 -9.04 -12.07 -22.25
CA LYS B 8 -9.39 -13.41 -21.80
C LYS B 8 -8.70 -14.44 -22.67
N SER B 9 -8.68 -14.20 -23.97
CA SER B 9 -8.06 -15.12 -24.92
C SER B 9 -6.55 -15.17 -24.68
N ALA B 10 -5.97 -14.02 -24.33
CA ALA B 10 -4.55 -13.92 -24.09
C ALA B 10 -4.17 -14.75 -22.88
N VAL B 11 -4.99 -14.66 -21.84
CA VAL B 11 -4.75 -15.39 -20.59
C VAL B 11 -4.81 -16.89 -20.84
N THR B 12 -5.91 -17.36 -21.43
CA THR B 12 -6.08 -18.77 -21.71
C THR B 12 -5.02 -19.33 -22.67
N ALA B 13 -4.67 -18.58 -23.70
CA ALA B 13 -3.66 -19.06 -24.65
C ALA B 13 -2.30 -19.25 -23.97
N LEU B 14 -1.93 -18.33 -23.08
CA LEU B 14 -0.66 -18.45 -22.39
C LEU B 14 -0.73 -19.56 -21.36
N TRP B 15 -1.84 -19.63 -20.64
CA TRP B 15 -1.98 -20.65 -19.61
C TRP B 15 -1.95 -22.09 -20.16
N GLY B 16 -2.37 -22.28 -21.41
CA GLY B 16 -2.35 -23.59 -22.01
C GLY B 16 -0.95 -24.13 -22.21
N LYS B 17 0.05 -23.25 -22.03
CA LYS B 17 1.45 -23.60 -22.18
C LYS B 17 2.19 -23.67 -20.85
N VAL B 18 1.46 -23.46 -19.76
CA VAL B 18 2.08 -23.47 -18.45
C VAL B 18 2.16 -24.86 -17.82
N ASN B 19 3.33 -25.16 -17.28
CA ASN B 19 3.52 -26.39 -16.55
C ASN B 19 3.16 -25.90 -15.14
N VAL B 20 1.96 -26.22 -14.70
CA VAL B 20 1.48 -25.77 -13.40
C VAL B 20 2.28 -26.34 -12.21
N ASP B 21 2.77 -27.57 -12.34
CA ASP B 21 3.56 -28.19 -11.30
C ASP B 21 4.81 -27.35 -11.03
N GLU B 22 5.56 -27.05 -12.08
CA GLU B 22 6.80 -26.26 -11.97
C GLU B 22 6.55 -24.79 -11.59
N VAL B 23 5.63 -24.13 -12.28
CA VAL B 23 5.32 -22.75 -11.97
C VAL B 23 4.82 -22.59 -10.54
N GLY B 24 4.00 -23.54 -10.08
CA GLY B 24 3.48 -23.49 -8.72
C GLY B 24 4.58 -23.62 -7.68
N GLY B 25 5.48 -24.58 -7.89
CA GLY B 25 6.58 -24.77 -6.96
C GLY B 25 7.50 -23.56 -6.95
N GLU B 26 7.78 -23.04 -8.14
CA GLU B 26 8.64 -21.88 -8.29
C GLU B 26 8.01 -20.63 -7.63
N ALA B 27 6.71 -20.46 -7.81
CA ALA B 27 6.00 -19.30 -7.26
C ALA B 27 5.99 -19.29 -5.73
N LEU B 28 5.57 -20.39 -5.13
CA LEU B 28 5.53 -20.43 -3.67
C LEU B 28 6.96 -20.34 -3.14
N GLY B 29 7.89 -21.04 -3.78
CA GLY B 29 9.28 -20.98 -3.35
C GLY B 29 9.81 -19.56 -3.33
N ARG B 30 9.66 -18.84 -4.45
CA ARG B 30 10.11 -17.46 -4.54
C ARG B 30 9.39 -16.56 -3.55
N LEU B 31 8.13 -16.85 -3.25
CA LEU B 31 7.39 -16.04 -2.28
C LEU B 31 8.10 -16.12 -0.91
N LEU B 32 8.45 -17.34 -0.51
CA LEU B 32 9.10 -17.58 0.77
C LEU B 32 10.54 -17.03 0.82
N VAL B 33 11.15 -16.85 -0.34
CA VAL B 33 12.50 -16.30 -0.39
C VAL B 33 12.50 -14.75 -0.47
N VAL B 34 11.70 -14.19 -1.38
CA VAL B 34 11.63 -12.75 -1.57
C VAL B 34 10.96 -11.99 -0.40
N TYR B 35 9.94 -12.59 0.18
CA TYR B 35 9.20 -12.02 1.31
C TYR B 35 9.22 -13.09 2.39
N PRO B 36 10.38 -13.30 3.03
CA PRO B 36 10.55 -14.32 4.07
C PRO B 36 9.60 -14.39 5.23
N TRP B 37 8.95 -13.28 5.58
CA TRP B 37 8.00 -13.33 6.69
C TRP B 37 6.82 -14.26 6.37
N THR B 38 6.61 -14.56 5.08
CA THR B 38 5.52 -15.43 4.66
C THR B 38 5.76 -16.87 5.12
N GLN B 39 6.99 -17.15 5.56
CA GLN B 39 7.35 -18.48 6.04
C GLN B 39 6.61 -18.79 7.34
N ARG B 40 6.02 -17.77 7.97
CA ARG B 40 5.29 -17.97 9.22
C ARG B 40 4.18 -19.03 9.17
N PHE B 41 3.61 -19.30 8.00
CA PHE B 41 2.55 -20.30 7.92
C PHE B 41 3.09 -21.70 7.64
N PHE B 42 4.39 -21.82 7.44
CA PHE B 42 4.94 -23.12 7.07
C PHE B 42 6.04 -23.72 7.94
N GLU B 43 5.98 -23.47 9.23
CA GLU B 43 7.02 -23.97 10.12
C GLU B 43 7.14 -25.50 10.13
N SER B 44 6.08 -26.21 9.75
CA SER B 44 6.15 -27.66 9.74
C SER B 44 6.75 -28.23 8.46
N PHE B 45 7.11 -27.36 7.52
CA PHE B 45 7.68 -27.81 6.25
C PHE B 45 9.15 -28.20 6.31
N GLY B 46 9.80 -27.92 7.42
CA GLY B 46 11.20 -28.28 7.52
C GLY B 46 12.16 -27.14 7.25
N ASP B 47 13.28 -27.46 6.60
CA ASP B 47 14.32 -26.49 6.29
C ASP B 47 13.96 -25.44 5.23
N LEU B 48 13.87 -24.18 5.66
CA LEU B 48 13.57 -23.05 4.77
C LEU B 48 14.62 -21.98 5.05
N SER B 49 15.77 -22.41 5.56
CA SER B 49 16.86 -21.51 5.95
C SER B 49 17.63 -20.80 4.83
N THR B 50 17.61 -21.33 3.62
CA THR B 50 18.32 -20.68 2.51
C THR B 50 17.47 -20.76 1.25
N PRO B 51 17.80 -19.93 0.24
CA PRO B 51 17.02 -19.96 -0.99
C PRO B 51 16.98 -21.38 -1.58
N ASP B 52 18.11 -22.07 -1.62
CA ASP B 52 18.15 -23.44 -2.16
C ASP B 52 17.32 -24.40 -1.33
N ALA B 53 17.35 -24.25 -0.01
CA ALA B 53 16.57 -25.13 0.87
C ALA B 53 15.07 -24.95 0.62
N VAL B 54 14.66 -23.70 0.41
CA VAL B 54 13.24 -23.40 0.17
C VAL B 54 12.77 -23.96 -1.17
N MET B 55 13.50 -23.64 -2.23
CA MET B 55 13.15 -24.08 -3.59
C MET B 55 13.19 -25.60 -3.75
N GLY B 56 14.09 -26.25 -3.02
CA GLY B 56 14.21 -27.70 -3.11
C GLY B 56 13.34 -28.45 -2.11
N ASN B 57 12.76 -27.72 -1.16
CA ASN B 57 11.91 -28.34 -0.14
C ASN B 57 10.72 -29.02 -0.80
N PRO B 58 10.57 -30.34 -0.59
CA PRO B 58 9.47 -31.12 -1.18
C PRO B 58 8.08 -30.65 -0.76
N LYS B 59 7.92 -30.22 0.48
CA LYS B 59 6.61 -29.73 0.92
C LYS B 59 6.29 -28.39 0.26
N VAL B 60 7.31 -27.58 0.01
CA VAL B 60 7.08 -26.29 -0.64
C VAL B 60 6.59 -26.59 -2.07
N LYS B 61 7.27 -27.51 -2.74
CA LYS B 61 6.88 -27.87 -4.11
C LYS B 61 5.49 -28.48 -4.12
N ALA B 62 5.21 -29.37 -3.18
CA ALA B 62 3.90 -30.01 -3.12
C ALA B 62 2.82 -28.96 -2.89
N HIS B 63 3.07 -28.02 -1.98
CA HIS B 63 2.07 -27.00 -1.72
C HIS B 63 1.95 -26.00 -2.86
N GLY B 64 3.06 -25.69 -3.53
CA GLY B 64 3.00 -24.76 -4.65
C GLY B 64 2.11 -25.31 -5.76
N LYS B 65 2.24 -26.62 -5.98
CA LYS B 65 1.46 -27.31 -7.01
C LYS B 65 -0.03 -27.32 -6.65
N LYS B 66 -0.34 -27.50 -5.36
CA LYS B 66 -1.73 -27.53 -4.91
C LYS B 66 -2.38 -26.15 -5.09
N VAL B 67 -1.69 -25.14 -4.60
CA VAL B 67 -2.18 -23.76 -4.71
C VAL B 67 -2.37 -23.31 -6.16
N LEU B 68 -1.36 -23.51 -7.00
CA LEU B 68 -1.48 -23.09 -8.38
C LEU B 68 -2.50 -23.95 -9.11
N GLY B 69 -2.70 -25.18 -8.62
CA GLY B 69 -3.70 -26.06 -9.23
C GLY B 69 -5.08 -25.43 -9.04
N ALA B 70 -5.33 -24.89 -7.85
CA ALA B 70 -6.61 -24.25 -7.55
C ALA B 70 -6.73 -22.97 -8.36
N PHE B 71 -5.62 -22.26 -8.51
CA PHE B 71 -5.57 -21.02 -9.30
C PHE B 71 -5.97 -21.37 -10.73
N SER B 72 -5.35 -22.42 -11.27
CA SER B 72 -5.62 -22.89 -12.63
C SER B 72 -7.12 -23.21 -12.80
N ASP B 73 -7.69 -23.96 -11.87
CA ASP B 73 -9.12 -24.31 -11.96
C ASP B 73 -9.96 -23.02 -11.99
N GLY B 74 -9.57 -22.03 -11.16
CA GLY B 74 -10.29 -20.77 -11.11
C GLY B 74 -10.32 -20.01 -12.43
N LEU B 75 -9.32 -20.25 -13.28
CA LEU B 75 -9.25 -19.56 -14.56
C LEU B 75 -10.39 -19.95 -15.49
N ALA B 76 -11.10 -21.03 -15.13
CA ALA B 76 -12.24 -21.48 -15.91
C ALA B 76 -13.53 -20.80 -15.42
N HIS B 77 -13.38 -19.92 -14.43
CA HIS B 77 -14.51 -19.20 -13.84
C HIS B 77 -14.22 -17.71 -13.75
N LEU B 78 -13.57 -17.14 -14.76
CA LEU B 78 -13.18 -15.74 -14.74
C LEU B 78 -14.34 -14.77 -14.54
N ASP B 79 -15.57 -15.22 -14.81
CA ASP B 79 -16.75 -14.40 -14.64
C ASP B 79 -17.38 -14.54 -13.26
N ASN B 80 -16.90 -15.50 -12.47
CA ASN B 80 -17.44 -15.69 -11.14
C ASN B 80 -16.36 -16.12 -10.15
N LEU B 81 -15.28 -15.35 -10.08
CA LEU B 81 -14.19 -15.66 -9.17
C LEU B 81 -14.64 -15.72 -7.70
N LYS B 82 -15.48 -14.79 -7.27
CA LYS B 82 -15.95 -14.82 -5.87
C LYS B 82 -16.70 -16.10 -5.54
N GLY B 83 -17.57 -16.53 -6.44
CA GLY B 83 -18.31 -17.75 -6.21
C GLY B 83 -17.43 -18.98 -6.16
N THR B 84 -16.50 -19.11 -7.10
CA THR B 84 -15.67 -20.31 -7.13
C THR B 84 -14.62 -20.40 -6.01
N PHE B 85 -14.22 -19.26 -5.44
CA PHE B 85 -13.24 -19.30 -4.36
C PHE B 85 -13.86 -19.05 -2.99
N ALA B 86 -15.19 -18.98 -2.92
CA ALA B 86 -15.87 -18.72 -1.65
C ALA B 86 -15.50 -19.66 -0.51
N THR B 87 -15.50 -20.98 -0.76
CA THR B 87 -15.17 -21.91 0.32
C THR B 87 -13.70 -21.78 0.69
N LEU B 88 -12.83 -21.59 -0.29
CA LEU B 88 -11.41 -21.43 0.03
C LEU B 88 -11.18 -20.13 0.81
N SER B 89 -11.97 -19.10 0.52
CA SER B 89 -11.82 -17.83 1.23
C SER B 89 -12.15 -18.03 2.71
N GLU B 90 -13.28 -18.66 2.97
CA GLU B 90 -13.72 -18.94 4.34
C GLU B 90 -12.68 -19.80 5.05
N LEU B 91 -12.11 -20.77 4.34
CA LEU B 91 -11.10 -21.64 4.93
C LEU B 91 -9.82 -20.86 5.29
N HIS B 92 -9.32 -20.06 4.37
CA HIS B 92 -8.10 -19.30 4.67
C HIS B 92 -8.30 -18.33 5.84
N CYS B 93 -9.52 -17.82 6.00
CA CYS B 93 -9.83 -16.89 7.09
C CYS B 93 -10.06 -17.60 8.42
N ASP B 94 -11.09 -18.44 8.46
CA ASP B 94 -11.47 -19.15 9.68
C ASP B 94 -10.52 -20.21 10.21
N LYS B 95 -9.88 -20.98 9.34
CA LYS B 95 -8.99 -22.03 9.85
C LYS B 95 -7.52 -21.76 9.70
N LEU B 96 -7.11 -21.21 8.56
CA LEU B 96 -5.69 -20.96 8.32
C LEU B 96 -5.17 -19.61 8.82
N HIS B 97 -6.09 -18.67 9.04
CA HIS B 97 -5.73 -17.33 9.53
C HIS B 97 -4.67 -16.70 8.65
N VAL B 98 -4.91 -16.72 7.34
CA VAL B 98 -3.94 -16.16 6.40
C VAL B 98 -4.30 -14.74 5.94
N ASP B 99 -3.48 -13.76 6.30
CA ASP B 99 -3.72 -12.37 5.90
C ASP B 99 -3.84 -12.38 4.36
N PRO B 100 -4.93 -11.82 3.81
CA PRO B 100 -5.09 -11.82 2.34
C PRO B 100 -3.99 -11.10 1.58
N GLU B 101 -3.20 -10.29 2.27
CA GLU B 101 -2.12 -9.58 1.60
C GLU B 101 -1.17 -10.62 0.99
N ASN B 102 -1.08 -11.78 1.63
CA ASN B 102 -0.25 -12.86 1.14
C ASN B 102 -0.67 -13.31 -0.27
N PHE B 103 -1.97 -13.20 -0.56
CA PHE B 103 -2.44 -13.60 -1.89
C PHE B 103 -1.95 -12.60 -2.93
N ARG B 104 -1.81 -11.35 -2.53
CA ARG B 104 -1.38 -10.32 -3.46
C ARG B 104 0.11 -10.45 -3.74
N LEU B 105 0.87 -10.79 -2.69
CA LEU B 105 2.31 -11.00 -2.85
C LEU B 105 2.55 -12.21 -3.76
N LEU B 106 1.78 -13.28 -3.57
CA LEU B 106 1.97 -14.46 -4.42
C LEU B 106 1.67 -14.05 -5.86
N GLY B 107 0.62 -13.25 -6.03
CA GLY B 107 0.24 -12.76 -7.34
C GLY B 107 1.42 -12.05 -8.00
N ASN B 108 2.10 -11.16 -7.27
CA ASN B 108 3.26 -10.43 -7.81
C ASN B 108 4.36 -11.40 -8.24
N VAL B 109 4.65 -12.37 -7.37
CA VAL B 109 5.67 -13.37 -7.65
C VAL B 109 5.28 -14.21 -8.89
N LEU B 110 4.01 -14.61 -8.97
CA LEU B 110 3.57 -15.42 -10.10
C LEU B 110 3.80 -14.69 -11.43
N VAL B 111 3.49 -13.39 -11.47
CA VAL B 111 3.69 -12.61 -12.69
C VAL B 111 5.18 -12.62 -13.07
N CYS B 112 6.07 -12.45 -12.09
CA CYS B 112 7.50 -12.46 -12.34
C CYS B 112 7.96 -13.83 -12.86
N VAL B 113 7.39 -14.89 -12.32
CA VAL B 113 7.74 -16.25 -12.76
C VAL B 113 7.23 -16.51 -14.18
N LEU B 114 6.04 -16.01 -14.50
CA LEU B 114 5.53 -16.21 -15.86
C LEU B 114 6.43 -15.44 -16.83
N ALA B 115 6.91 -14.26 -16.42
CA ALA B 115 7.80 -13.48 -17.27
C ALA B 115 9.15 -14.18 -17.43
N HIS B 116 9.63 -14.78 -16.33
CA HIS B 116 10.90 -15.48 -16.33
C HIS B 116 10.84 -16.67 -17.30
N HIS B 117 9.74 -17.41 -17.23
CA HIS B 117 9.55 -18.59 -18.07
C HIS B 117 9.25 -18.31 -19.55
N PHE B 118 8.40 -17.30 -19.83
CA PHE B 118 8.04 -17.01 -21.21
C PHE B 118 8.88 -15.95 -21.93
N GLY B 119 9.68 -15.21 -21.19
CA GLY B 119 10.52 -14.20 -21.80
C GLY B 119 9.77 -13.16 -22.63
N LYS B 120 10.18 -13.01 -23.89
CA LYS B 120 9.56 -12.03 -24.79
C LYS B 120 8.08 -12.28 -25.09
N GLU B 121 7.60 -13.51 -24.92
CA GLU B 121 6.18 -13.78 -25.16
C GLU B 121 5.28 -13.19 -24.09
N PHE B 122 5.84 -12.91 -22.92
CA PHE B 122 5.07 -12.31 -21.83
C PHE B 122 5.12 -10.79 -22.06
N THR B 123 4.49 -10.37 -23.15
CA THR B 123 4.46 -8.97 -23.55
C THR B 123 3.72 -8.05 -22.57
N PRO B 124 3.93 -6.74 -22.67
CA PRO B 124 3.25 -5.82 -21.76
C PRO B 124 1.73 -6.01 -21.74
N PRO B 125 1.08 -6.20 -22.91
CA PRO B 125 -0.38 -6.40 -22.94
C PRO B 125 -0.77 -7.69 -22.22
N VAL B 126 0.01 -8.75 -22.42
CA VAL B 126 -0.25 -10.01 -21.75
C VAL B 126 -0.06 -9.83 -20.24
N GLN B 127 0.96 -9.09 -19.85
CA GLN B 127 1.18 -8.86 -18.42
C GLN B 127 -0.05 -8.15 -17.83
N ALA B 128 -0.52 -7.11 -18.51
CA ALA B 128 -1.67 -6.34 -18.03
C ALA B 128 -2.88 -7.23 -17.77
N ALA B 129 -3.15 -8.18 -18.68
CA ALA B 129 -4.28 -9.08 -18.51
C ALA B 129 -4.07 -9.96 -17.27
N TYR B 130 -2.86 -10.49 -17.12
CA TYR B 130 -2.56 -11.31 -15.94
C TYR B 130 -2.62 -10.51 -14.65
N GLN B 131 -2.22 -9.23 -14.70
CA GLN B 131 -2.31 -8.40 -13.48
C GLN B 131 -3.79 -8.32 -13.08
N LYS B 132 -4.69 -8.20 -14.06
CA LYS B 132 -6.12 -8.16 -13.72
C LYS B 132 -6.53 -9.50 -13.12
N VAL B 133 -6.03 -10.59 -13.70
CA VAL B 133 -6.35 -11.92 -13.22
C VAL B 133 -5.92 -12.15 -11.76
N VAL B 134 -4.66 -11.89 -11.44
CA VAL B 134 -4.21 -12.12 -10.06
C VAL B 134 -4.88 -11.23 -9.04
N ALA B 135 -5.23 -10.00 -9.43
CA ALA B 135 -5.90 -9.10 -8.52
C ALA B 135 -7.30 -9.65 -8.26
N GLY B 136 -7.97 -10.12 -9.32
CA GLY B 136 -9.31 -10.69 -9.16
C GLY B 136 -9.30 -11.94 -8.27
N VAL B 137 -8.30 -12.79 -8.44
CA VAL B 137 -8.20 -13.99 -7.64
C VAL B 137 -7.92 -13.64 -6.17
N ALA B 138 -7.02 -12.70 -5.94
CA ALA B 138 -6.71 -12.30 -4.57
C ALA B 138 -7.96 -11.70 -3.93
N ASN B 139 -8.67 -10.86 -4.68
CA ASN B 139 -9.88 -10.22 -4.17
C ASN B 139 -10.94 -11.28 -3.87
N ALA B 140 -11.01 -12.31 -4.71
CA ALA B 140 -12.00 -13.37 -4.47
C ALA B 140 -11.65 -14.15 -3.21
N LEU B 141 -10.37 -14.45 -3.01
CA LEU B 141 -9.95 -15.21 -1.81
C LEU B 141 -10.09 -14.39 -0.52
N ALA B 142 -10.13 -13.07 -0.67
CA ALA B 142 -10.25 -12.21 0.49
C ALA B 142 -11.71 -11.85 0.78
N HIS B 143 -12.59 -12.09 -0.18
CA HIS B 143 -13.98 -11.70 -0.03
C HIS B 143 -14.78 -12.17 1.19
N LYS B 144 -14.56 -13.40 1.63
CA LYS B 144 -15.31 -13.92 2.79
C LYS B 144 -14.68 -13.62 4.15
N TYR B 145 -13.60 -12.86 4.18
CA TYR B 145 -12.99 -12.56 5.46
C TYR B 145 -13.93 -11.69 6.29
N HIS B 146 -13.89 -11.89 7.60
CA HIS B 146 -14.77 -11.16 8.50
C HIS B 146 -14.15 -11.12 9.90
N VAL C 1 12.00 11.60 8.22
CA VAL C 1 12.73 12.11 9.41
C VAL C 1 11.90 13.17 10.16
N LEU C 2 11.93 13.10 11.48
CA LEU C 2 11.19 14.05 12.30
C LEU C 2 12.01 15.32 12.50
N SER C 3 11.38 16.46 12.26
CA SER C 3 12.01 17.76 12.41
C SER C 3 11.88 18.18 13.87
N PRO C 4 12.55 19.28 14.26
CA PRO C 4 12.43 19.71 15.65
C PRO C 4 10.96 19.98 16.00
N ALA C 5 10.26 20.65 15.10
CA ALA C 5 8.85 20.94 15.34
C ALA C 5 8.03 19.65 15.45
N ASP C 6 8.32 18.66 14.62
CA ASP C 6 7.60 17.39 14.69
C ASP C 6 7.77 16.78 16.10
N LYS C 7 8.99 16.81 16.62
CA LYS C 7 9.25 16.21 17.93
C LYS C 7 8.55 16.97 19.05
N THR C 8 8.53 18.29 18.93
CA THR C 8 7.86 19.13 19.91
C THR C 8 6.37 18.77 19.86
N ASN C 9 5.84 18.58 18.64
CA ASN C 9 4.42 18.24 18.51
C ASN C 9 4.09 16.87 19.09
N VAL C 10 4.93 15.87 18.81
CA VAL C 10 4.67 14.54 19.32
C VAL C 10 4.76 14.50 20.85
N LYS C 11 5.77 15.15 21.40
CA LYS C 11 5.93 15.17 22.86
C LYS C 11 4.73 15.85 23.55
N ALA C 12 4.23 16.93 22.96
CA ALA C 12 3.09 17.64 23.54
C ALA C 12 1.83 16.76 23.53
N ALA C 13 1.52 16.18 22.37
CA ALA C 13 0.33 15.35 22.26
C ALA C 13 0.37 14.09 23.11
N TRP C 14 1.49 13.37 23.07
CA TRP C 14 1.62 12.14 23.85
C TRP C 14 1.67 12.46 25.35
N GLY C 15 2.22 13.62 25.70
CA GLY C 15 2.27 14.04 27.09
C GLY C 15 0.87 14.25 27.65
N LYS C 16 -0.04 14.75 26.82
CA LYS C 16 -1.43 14.98 27.24
C LYS C 16 -2.16 13.64 27.34
N VAL C 17 -1.73 12.68 26.54
CA VAL C 17 -2.32 11.34 26.59
C VAL C 17 -2.07 10.80 28.00
N GLY C 18 -0.85 11.02 28.48
CA GLY C 18 -0.44 10.59 29.80
C GLY C 18 -0.90 9.22 30.25
N ALA C 19 -1.54 9.17 31.41
CA ALA C 19 -2.01 7.92 32.00
C ALA C 19 -3.04 7.13 31.18
N HIS C 20 -3.61 7.75 30.15
CA HIS C 20 -4.60 7.08 29.31
C HIS C 20 -4.02 6.31 28.12
N ALA C 21 -2.69 6.27 28.03
CA ALA C 21 -2.04 5.58 26.92
C ALA C 21 -2.58 4.18 26.69
N GLY C 22 -2.58 3.36 27.73
CA GLY C 22 -3.05 1.99 27.62
C GLY C 22 -4.48 1.83 27.12
N GLU C 23 -5.37 2.68 27.64
CA GLU C 23 -6.78 2.66 27.22
C GLU C 23 -6.85 3.01 25.74
N TYR C 24 -6.08 4.02 25.35
CA TYR C 24 -6.09 4.45 23.94
C TYR C 24 -5.51 3.39 23.02
N GLY C 25 -4.52 2.67 23.51
CA GLY C 25 -3.93 1.59 22.69
C GLY C 25 -4.99 0.53 22.46
N ALA C 26 -5.72 0.20 23.52
CA ALA C 26 -6.80 -0.80 23.43
C ALA C 26 -7.91 -0.33 22.48
N GLU C 27 -8.27 0.95 22.56
CA GLU C 27 -9.31 1.48 21.67
C GLU C 27 -8.86 1.43 20.22
N ALA C 28 -7.60 1.76 20.00
CA ALA C 28 -7.03 1.75 18.67
C ALA C 28 -7.12 0.32 18.11
N LEU C 29 -6.84 -0.66 18.95
CA LEU C 29 -6.92 -2.06 18.52
C LEU C 29 -8.36 -2.44 18.18
N GLU C 30 -9.32 -2.05 19.00
CA GLU C 30 -10.71 -2.37 18.71
C GLU C 30 -11.14 -1.73 17.37
N ARG C 31 -10.78 -0.47 17.17
CA ARG C 31 -11.10 0.24 15.91
C ARG C 31 -10.50 -0.50 14.71
N MET C 32 -9.26 -0.94 14.85
CA MET C 32 -8.58 -1.65 13.77
C MET C 32 -9.28 -2.98 13.46
N PHE C 33 -9.61 -3.76 14.48
CA PHE C 33 -10.25 -5.05 14.25
C PHE C 33 -11.62 -4.92 13.56
N LEU C 34 -12.35 -3.85 13.89
CA LEU C 34 -13.67 -3.62 13.30
C LEU C 34 -13.61 -3.03 11.90
N SER C 35 -12.74 -2.05 11.70
CA SER C 35 -12.62 -1.41 10.38
C SER C 35 -11.82 -2.24 9.38
N PHE C 36 -10.85 -3.01 9.87
CA PHE C 36 -9.98 -3.81 9.00
C PHE C 36 -9.88 -5.24 9.54
N PRO C 37 -10.97 -6.02 9.38
CA PRO C 37 -11.10 -7.41 9.84
C PRO C 37 -9.91 -8.32 9.53
N THR C 38 -9.23 -8.08 8.41
CA THR C 38 -8.09 -8.93 8.06
C THR C 38 -6.99 -8.88 9.11
N THR C 39 -6.94 -7.82 9.91
CA THR C 39 -5.89 -7.70 10.93
C THR C 39 -6.11 -8.72 12.05
N LYS C 40 -7.34 -9.21 12.16
CA LYS C 40 -7.66 -10.20 13.19
C LYS C 40 -6.95 -11.53 12.93
N THR C 41 -6.50 -11.75 11.71
CA THR C 41 -5.82 -13.02 11.42
C THR C 41 -4.56 -13.18 12.25
N TYR C 42 -4.04 -12.09 12.82
CA TYR C 42 -2.82 -12.15 13.64
C TYR C 42 -3.11 -12.42 15.11
N PHE C 43 -4.38 -12.48 15.46
CA PHE C 43 -4.81 -12.69 16.85
C PHE C 43 -5.88 -13.80 17.00
N PRO C 44 -5.66 -14.98 16.41
CA PRO C 44 -6.63 -16.08 16.52
C PRO C 44 -6.74 -16.62 17.94
N HIS C 45 -5.68 -16.44 18.71
CA HIS C 45 -5.63 -16.90 20.09
C HIS C 45 -6.32 -15.93 21.06
N PHE C 46 -6.75 -14.78 20.56
CA PHE C 46 -7.39 -13.77 21.40
C PHE C 46 -8.91 -13.74 21.48
N ASP C 47 -9.41 -13.31 22.64
CA ASP C 47 -10.84 -13.08 22.80
C ASP C 47 -10.81 -11.62 22.35
N LEU C 48 -11.41 -11.33 21.19
CA LEU C 48 -11.42 -9.96 20.67
C LEU C 48 -12.71 -9.22 20.93
N SER C 49 -13.50 -9.69 21.89
CA SER C 49 -14.76 -9.02 22.18
C SER C 49 -14.48 -7.68 22.85
N HIS C 50 -15.49 -6.81 22.84
CA HIS C 50 -15.36 -5.49 23.43
C HIS C 50 -14.94 -5.62 24.89
N GLY C 51 -13.92 -4.86 25.26
CA GLY C 51 -13.42 -4.86 26.62
C GLY C 51 -12.69 -6.09 27.12
N SER C 52 -12.33 -7.01 26.22
CA SER C 52 -11.64 -8.21 26.69
C SER C 52 -10.32 -7.84 27.35
N ALA C 53 -9.93 -8.63 28.36
CA ALA C 53 -8.68 -8.38 29.08
C ALA C 53 -7.47 -8.53 28.16
N GLN C 54 -7.56 -9.45 27.19
CA GLN C 54 -6.43 -9.63 26.28
C GLN C 54 -6.19 -8.40 25.40
N VAL C 55 -7.27 -7.78 24.92
CA VAL C 55 -7.13 -6.59 24.09
C VAL C 55 -6.63 -5.43 24.96
N LYS C 56 -7.13 -5.33 26.19
CA LYS C 56 -6.69 -4.27 27.12
C LYS C 56 -5.21 -4.46 27.41
N GLY C 57 -4.83 -5.69 27.74
CA GLY C 57 -3.45 -5.99 28.03
C GLY C 57 -2.54 -5.70 26.85
N HIS C 58 -2.94 -6.12 25.65
CA HIS C 58 -2.13 -5.86 24.46
C HIS C 58 -2.07 -4.35 24.15
N GLY C 59 -3.19 -3.66 24.32
CA GLY C 59 -3.21 -2.22 24.06
C GLY C 59 -2.20 -1.50 24.94
N LYS C 60 -2.08 -1.97 26.18
CA LYS C 60 -1.14 -1.38 27.14
C LYS C 60 0.28 -1.57 26.63
N LYS C 61 0.59 -2.76 26.14
CA LYS C 61 1.92 -3.05 25.62
C LYS C 61 2.28 -2.15 24.43
N VAL C 62 1.34 -2.00 23.50
CA VAL C 62 1.57 -1.18 22.33
C VAL C 62 1.77 0.28 22.76
N ALA C 63 0.88 0.79 23.60
CA ALA C 63 1.00 2.15 24.07
C ALA C 63 2.34 2.38 24.79
N ASP C 64 2.78 1.41 25.61
CA ASP C 64 4.04 1.55 26.32
C ASP C 64 5.22 1.64 25.36
N ALA C 65 5.17 0.86 24.28
CA ALA C 65 6.25 0.89 23.30
C ALA C 65 6.27 2.26 22.62
N LEU C 66 5.09 2.82 22.35
CA LEU C 66 5.04 4.15 21.77
C LEU C 66 5.56 5.19 22.77
N THR C 67 5.23 5.02 24.05
CA THR C 67 5.72 5.96 25.08
C THR C 67 7.26 5.90 25.10
N ASN C 68 7.79 4.70 24.98
CA ASN C 68 9.25 4.51 24.98
C ASN C 68 9.88 5.18 23.75
N ALA C 69 9.22 5.04 22.60
CA ALA C 69 9.71 5.64 21.35
C ALA C 69 9.74 7.16 21.51
N VAL C 70 8.69 7.73 22.11
CA VAL C 70 8.64 9.17 22.33
C VAL C 70 9.77 9.58 23.29
N ALA C 71 10.00 8.78 24.33
CA ALA C 71 11.06 9.11 25.30
C ALA C 71 12.46 9.04 24.71
N HIS C 72 12.60 8.33 23.59
CA HIS C 72 13.89 8.17 22.91
C HIS C 72 13.69 8.52 21.45
N VAL C 73 12.98 9.62 21.20
CA VAL C 73 12.66 10.03 19.84
C VAL C 73 13.87 10.28 18.93
N ASP C 74 15.03 10.56 19.51
CA ASP C 74 16.23 10.79 18.70
C ASP C 74 17.08 9.52 18.61
N ASP C 75 16.53 8.38 19.03
CA ASP C 75 17.28 7.11 18.98
C ASP C 75 16.32 5.94 18.84
N MET C 76 15.26 6.11 18.06
CA MET C 76 14.25 5.05 17.92
C MET C 76 14.74 3.71 17.39
N PRO C 77 15.57 3.69 16.34
CA PRO C 77 16.03 2.38 15.85
C PRO C 77 16.64 1.53 16.97
N ASN C 78 17.39 2.16 17.87
CA ASN C 78 18.00 1.42 18.98
C ASN C 78 17.04 1.14 20.12
N ALA C 79 16.21 2.11 20.47
CA ALA C 79 15.26 1.93 21.56
C ALA C 79 14.22 0.85 21.24
N LEU C 80 13.90 0.69 19.96
CA LEU C 80 12.90 -0.30 19.53
C LEU C 80 13.55 -1.56 18.93
N SER C 81 14.88 -1.70 19.09
CA SER C 81 15.57 -2.85 18.51
C SER C 81 15.00 -4.24 18.84
N ALA C 82 14.79 -4.52 20.12
CA ALA C 82 14.26 -5.82 20.51
C ALA C 82 12.88 -6.08 19.89
N LEU C 83 12.05 -5.02 19.84
CA LEU C 83 10.70 -5.11 19.28
C LEU C 83 10.72 -5.32 17.78
N SER C 84 11.71 -4.71 17.12
CA SER C 84 11.84 -4.84 15.68
C SER C 84 12.27 -6.30 15.38
N ASP C 85 13.19 -6.81 16.20
CA ASP C 85 13.63 -8.20 16.05
C ASP C 85 12.42 -9.12 16.21
N LEU C 86 11.60 -8.84 17.23
CA LEU C 86 10.43 -9.68 17.51
C LEU C 86 9.45 -9.71 16.35
N HIS C 87 9.10 -8.55 15.80
CA HIS C 87 8.16 -8.54 14.69
C HIS C 87 8.76 -9.18 13.42
N ALA C 88 10.05 -8.95 13.17
CA ALA C 88 10.67 -9.48 11.96
C ALA C 88 10.91 -10.99 11.96
N HIS C 89 11.41 -11.51 13.08
CA HIS C 89 11.77 -12.92 13.20
C HIS C 89 10.70 -13.88 13.71
N LYS C 90 9.77 -13.37 14.51
CA LYS C 90 8.74 -14.25 15.04
C LYS C 90 7.32 -13.90 14.59
N LEU C 91 6.77 -12.78 15.07
CA LEU C 91 5.41 -12.39 14.72
C LEU C 91 5.22 -12.33 13.20
N ARG C 92 6.13 -11.66 12.53
CA ARG C 92 6.10 -11.58 11.09
C ARG C 92 4.78 -11.07 10.51
N VAL C 93 4.29 -9.99 11.10
CA VAL C 93 3.07 -9.32 10.68
C VAL C 93 3.37 -8.68 9.34
N ASP C 94 2.55 -8.90 8.32
CA ASP C 94 2.88 -8.28 7.03
C ASP C 94 2.96 -6.76 7.19
N PRO C 95 3.97 -6.12 6.56
CA PRO C 95 4.17 -4.67 6.62
C PRO C 95 2.94 -3.81 6.33
N VAL C 96 2.07 -4.24 5.44
CA VAL C 96 0.90 -3.45 5.10
C VAL C 96 0.01 -3.12 6.30
N ASN C 97 0.05 -3.96 7.34
CA ASN C 97 -0.81 -3.76 8.50
C ASN C 97 -0.43 -2.64 9.44
N PHE C 98 0.84 -2.23 9.42
CA PHE C 98 1.25 -1.17 10.32
C PHE C 98 0.53 0.15 10.00
N LYS C 99 0.26 0.43 8.74
CA LYS C 99 -0.42 1.69 8.45
C LYS C 99 -1.86 1.64 8.94
N LEU C 100 -2.43 0.44 9.06
CA LEU C 100 -3.81 0.27 9.51
C LEU C 100 -3.92 0.59 11.00
N LEU C 101 -3.02 0.01 11.81
CA LEU C 101 -3.03 0.32 13.23
C LEU C 101 -2.67 1.79 13.46
N SER C 102 -1.72 2.31 12.68
CA SER C 102 -1.31 3.71 12.82
C SER C 102 -2.52 4.61 12.57
N HIS C 103 -3.26 4.32 11.49
CA HIS C 103 -4.45 5.11 11.19
C HIS C 103 -5.41 5.07 12.37
N CYS C 104 -5.66 3.89 12.92
CA CYS C 104 -6.59 3.79 14.04
C CYS C 104 -6.09 4.47 15.32
N LEU C 105 -4.77 4.59 15.47
CA LEU C 105 -4.20 5.28 16.63
C LEU C 105 -4.47 6.77 16.46
N LEU C 106 -4.27 7.27 15.24
CA LEU C 106 -4.55 8.67 14.94
C LEU C 106 -6.00 9.00 15.18
N VAL C 107 -6.89 8.12 14.73
CA VAL C 107 -8.32 8.32 14.91
C VAL C 107 -8.63 8.38 16.40
N THR C 108 -8.05 7.45 17.15
CA THR C 108 -8.25 7.41 18.61
C THR C 108 -7.76 8.71 19.27
N LEU C 109 -6.58 9.18 18.89
CA LEU C 109 -6.04 10.43 19.44
C LEU C 109 -6.91 11.62 19.03
N ALA C 110 -7.40 11.63 17.79
CA ALA C 110 -8.27 12.72 17.34
C ALA C 110 -9.53 12.75 18.19
N ALA C 111 -10.09 11.57 18.49
CA ALA C 111 -11.32 11.49 19.28
C ALA C 111 -11.11 11.85 20.76
N HIS C 112 -9.87 11.78 21.23
CA HIS C 112 -9.60 12.09 22.63
C HIS C 112 -8.86 13.40 22.90
N LEU C 113 -8.28 13.99 21.86
CA LEU C 113 -7.53 15.25 22.03
C LEU C 113 -8.09 16.41 21.24
N PRO C 114 -9.30 16.85 21.58
CA PRO C 114 -9.88 17.97 20.82
C PRO C 114 -9.00 19.23 20.70
N ALA C 115 -8.38 19.64 21.78
CA ALA C 115 -7.55 20.84 21.72
C ALA C 115 -6.19 20.67 21.07
N GLU C 116 -5.51 19.57 21.33
CA GLU C 116 -4.18 19.42 20.76
C GLU C 116 -4.06 18.77 19.38
N PHE C 117 -5.11 18.14 18.87
CA PHE C 117 -5.00 17.50 17.55
C PHE C 117 -5.18 18.51 16.42
N THR C 118 -4.26 19.48 16.36
CA THR C 118 -4.27 20.51 15.33
C THR C 118 -3.72 19.92 14.02
N PRO C 119 -3.90 20.63 12.90
CA PRO C 119 -3.39 20.09 11.64
C PRO C 119 -1.87 19.81 11.70
N ALA C 120 -1.10 20.70 12.31
CA ALA C 120 0.34 20.49 12.40
C ALA C 120 0.66 19.28 13.28
N VAL C 121 -0.04 19.13 14.39
CA VAL C 121 0.21 18.01 15.30
C VAL C 121 -0.19 16.69 14.64
N HIS C 122 -1.32 16.72 13.94
CA HIS C 122 -1.83 15.58 13.19
C HIS C 122 -0.72 15.16 12.21
N ALA C 123 -0.18 16.12 11.48
CA ALA C 123 0.89 15.83 10.51
C ALA C 123 2.11 15.21 11.19
N SER C 124 2.52 15.79 12.32
CA SER C 124 3.68 15.26 13.03
C SER C 124 3.44 13.87 13.59
N LEU C 125 2.26 13.61 14.14
CA LEU C 125 1.96 12.29 14.68
C LEU C 125 1.90 11.24 13.56
N ASP C 126 1.43 11.63 12.38
CA ASP C 126 1.37 10.68 11.26
C ASP C 126 2.80 10.30 10.85
N LYS C 127 3.71 11.28 10.82
CA LYS C 127 5.10 11.02 10.46
C LYS C 127 5.75 10.14 11.53
N PHE C 128 5.47 10.46 12.79
CA PHE C 128 6.00 9.69 13.93
C PHE C 128 5.59 8.21 13.87
N LEU C 129 4.30 7.94 13.68
CA LEU C 129 3.82 6.55 13.59
C LEU C 129 4.39 5.85 12.36
N ALA C 130 4.62 6.61 11.29
CA ALA C 130 5.20 6.03 10.09
C ALA C 130 6.67 5.65 10.40
N SER C 131 7.34 6.47 11.19
CA SER C 131 8.74 6.24 11.57
C SER C 131 8.84 5.01 12.46
N VAL C 132 7.90 4.89 13.39
CA VAL C 132 7.86 3.75 14.28
C VAL C 132 7.60 2.47 13.46
N SER C 133 6.68 2.56 12.49
CA SER C 133 6.36 1.41 11.64
C SER C 133 7.57 0.98 10.80
N THR C 134 8.28 1.96 10.25
CA THR C 134 9.45 1.69 9.44
C THR C 134 10.49 0.97 10.30
N VAL C 135 10.72 1.48 11.52
CA VAL C 135 11.68 0.82 12.41
C VAL C 135 11.23 -0.63 12.70
N LEU C 136 9.94 -0.83 12.98
CA LEU C 136 9.47 -2.17 13.31
C LEU C 136 9.49 -3.18 12.17
N THR C 137 9.56 -2.72 10.92
CA THR C 137 9.61 -3.63 9.76
C THR C 137 10.99 -3.60 9.08
N SER C 138 11.92 -2.81 9.61
CA SER C 138 13.25 -2.64 9.04
C SER C 138 14.15 -3.89 8.95
N LYS C 139 13.88 -4.90 9.77
CA LYS C 139 14.70 -6.11 9.76
C LYS C 139 13.99 -7.29 9.12
N TYR C 140 12.83 -7.03 8.49
CA TYR C 140 12.06 -8.12 7.88
C TYR C 140 12.79 -8.96 6.83
N ARG C 141 13.73 -8.38 6.10
CA ARG C 141 14.45 -9.16 5.10
C ARG C 141 15.77 -8.49 4.74
N VAL D 1 -20.59 -0.40 -2.14
CA VAL D 1 -20.35 -0.52 -0.68
C VAL D 1 -21.26 -1.58 -0.06
N HIS D 2 -20.76 -2.24 0.99
CA HIS D 2 -21.51 -3.28 1.68
C HIS D 2 -21.83 -2.86 3.12
N LEU D 3 -22.74 -1.91 3.27
CA LEU D 3 -23.13 -1.44 4.59
C LEU D 3 -24.36 -2.19 5.05
N THR D 4 -24.42 -2.51 6.34
CA THR D 4 -25.59 -3.19 6.88
C THR D 4 -26.63 -2.10 7.11
N PRO D 5 -27.92 -2.47 7.19
CA PRO D 5 -28.94 -1.45 7.41
C PRO D 5 -28.63 -0.61 8.64
N GLU D 6 -28.04 -1.23 9.66
CA GLU D 6 -27.70 -0.52 10.89
C GLU D 6 -26.52 0.44 10.69
N GLU D 7 -25.69 0.17 9.70
CA GLU D 7 -24.55 1.02 9.40
C GLU D 7 -24.95 2.19 8.51
N LYS D 8 -25.90 1.96 7.61
CA LYS D 8 -26.36 3.03 6.73
C LYS D 8 -27.06 4.08 7.59
N SER D 9 -27.80 3.62 8.59
CA SER D 9 -28.51 4.50 9.51
C SER D 9 -27.52 5.31 10.34
N ALA D 10 -26.47 4.64 10.80
CA ALA D 10 -25.43 5.29 11.60
C ALA D 10 -24.78 6.38 10.76
N VAL D 11 -24.42 6.04 9.52
CA VAL D 11 -23.80 7.00 8.63
C VAL D 11 -24.68 8.24 8.45
N THR D 12 -25.94 8.04 8.08
CA THR D 12 -26.85 9.16 7.86
C THR D 12 -27.14 9.96 9.15
N ALA D 13 -27.31 9.27 10.28
CA ALA D 13 -27.57 9.97 11.55
C ALA D 13 -26.42 10.92 11.92
N LEU D 14 -25.18 10.46 11.74
CA LEU D 14 -24.03 11.31 12.04
C LEU D 14 -23.89 12.44 11.01
N TRP D 15 -24.05 12.10 9.73
CA TRP D 15 -23.88 13.11 8.69
C TRP D 15 -24.88 14.27 8.81
N GLY D 16 -26.08 13.99 9.31
CA GLY D 16 -27.05 15.06 9.47
C GLY D 16 -26.61 16.06 10.53
N LYS D 17 -25.50 15.80 11.22
CA LYS D 17 -25.02 16.72 12.26
C LYS D 17 -23.78 17.45 11.80
N VAL D 18 -23.38 17.16 10.56
CA VAL D 18 -22.19 17.72 9.95
C VAL D 18 -22.42 19.02 9.18
N ASN D 19 -21.54 19.99 9.39
CA ASN D 19 -21.56 21.25 8.66
C ASN D 19 -20.61 20.93 7.50
N VAL D 20 -21.19 20.55 6.36
CA VAL D 20 -20.42 20.13 5.19
C VAL D 20 -19.36 21.13 4.72
N ASP D 21 -19.73 22.42 4.67
CA ASP D 21 -18.79 23.47 4.25
C ASP D 21 -17.55 23.50 5.16
N GLU D 22 -17.77 23.50 6.47
CA GLU D 22 -16.66 23.54 7.42
C GLU D 22 -15.79 22.29 7.38
N VAL D 23 -16.43 21.13 7.41
CA VAL D 23 -15.70 19.86 7.39
C VAL D 23 -14.93 19.73 6.08
N GLY D 24 -15.54 20.18 4.98
CA GLY D 24 -14.84 20.13 3.70
C GLY D 24 -13.55 20.93 3.73
N GLY D 25 -13.63 22.18 4.22
CA GLY D 25 -12.44 23.01 4.28
C GLY D 25 -11.36 22.41 5.18
N GLU D 26 -11.78 21.86 6.30
CA GLU D 26 -10.88 21.25 7.26
C GLU D 26 -10.20 19.99 6.68
N ALA D 27 -10.98 19.13 6.03
CA ALA D 27 -10.42 17.90 5.46
C ALA D 27 -9.46 18.16 4.30
N LEU D 28 -9.83 19.04 3.37
CA LEU D 28 -8.93 19.33 2.26
C LEU D 28 -7.66 20.02 2.79
N GLY D 29 -7.85 20.94 3.73
CA GLY D 29 -6.69 21.64 4.30
C GLY D 29 -5.77 20.65 5.00
N ARG D 30 -6.31 19.77 5.84
CA ARG D 30 -5.48 18.80 6.52
C ARG D 30 -4.78 17.85 5.53
N LEU D 31 -5.44 17.50 4.43
CA LEU D 31 -4.81 16.63 3.43
C LEU D 31 -3.50 17.31 2.96
N LEU D 32 -3.61 18.59 2.61
CA LEU D 32 -2.46 19.36 2.11
C LEU D 32 -1.34 19.57 3.14
N VAL D 33 -1.69 19.59 4.41
CA VAL D 33 -0.70 19.74 5.47
C VAL D 33 -0.05 18.39 5.80
N VAL D 34 -0.88 17.38 6.03
CA VAL D 34 -0.38 16.04 6.41
C VAL D 34 0.37 15.32 5.29
N TYR D 35 -0.11 15.43 4.05
CA TYR D 35 0.54 14.79 2.91
C TYR D 35 0.81 15.93 1.94
N PRO D 36 1.87 16.74 2.21
CA PRO D 36 2.19 17.89 1.36
C PRO D 36 2.41 17.74 -0.12
N TRP D 37 2.75 16.53 -0.57
CA TRP D 37 2.92 16.31 -1.99
C TRP D 37 1.58 16.51 -2.71
N THR D 38 0.47 16.43 -1.98
CA THR D 38 -0.84 16.63 -2.62
C THR D 38 -1.07 18.08 -3.06
N GLN D 39 -0.23 18.99 -2.59
CA GLN D 39 -0.31 20.39 -2.99
C GLN D 39 0.02 20.54 -4.47
N ARG D 40 0.57 19.49 -5.08
CA ARG D 40 0.94 19.52 -6.50
C ARG D 40 -0.18 19.92 -7.47
N PHE D 41 -1.44 19.70 -7.08
CA PHE D 41 -2.57 20.02 -7.95
C PHE D 41 -3.13 21.41 -7.69
N PHE D 42 -2.54 22.13 -6.74
CA PHE D 42 -3.06 23.44 -6.35
C PHE D 42 -2.08 24.61 -6.48
N GLU D 43 -1.23 24.58 -7.51
CA GLU D 43 -0.27 25.65 -7.71
C GLU D 43 -0.94 27.02 -7.93
N SER D 44 -2.21 27.03 -8.31
CA SER D 44 -2.91 28.31 -8.53
C SER D 44 -3.59 28.84 -7.27
N PHE D 45 -3.54 28.08 -6.18
CA PHE D 45 -4.19 28.50 -4.94
C PHE D 45 -3.42 29.50 -4.07
N GLY D 46 -2.20 29.85 -4.49
CA GLY D 46 -1.40 30.78 -3.70
C GLY D 46 -0.58 30.16 -2.58
N ASP D 47 -0.39 30.92 -1.50
CA ASP D 47 0.41 30.48 -0.34
C ASP D 47 -0.08 29.21 0.36
N LEU D 48 0.76 28.18 0.36
CA LEU D 48 0.47 26.90 1.02
C LEU D 48 1.74 26.49 1.79
N SER D 49 2.56 27.47 2.17
CA SER D 49 3.85 27.21 2.82
C SER D 49 3.92 26.82 4.28
N THR D 50 2.82 26.99 5.01
CA THR D 50 2.82 26.63 6.43
C THR D 50 1.45 26.05 6.75
N PRO D 51 1.29 25.40 7.91
CA PRO D 51 -0.04 24.84 8.22
C PRO D 51 -1.13 25.92 8.22
N ASP D 52 -0.88 27.06 8.86
CA ASP D 52 -1.92 28.11 8.88
C ASP D 52 -2.18 28.68 7.49
N ALA D 53 -1.12 28.79 6.67
CA ALA D 53 -1.27 29.31 5.31
C ALA D 53 -2.20 28.41 4.51
N VAL D 54 -2.11 27.10 4.77
CA VAL D 54 -2.96 26.13 4.08
C VAL D 54 -4.39 26.14 4.64
N MET D 55 -4.51 25.96 5.95
CA MET D 55 -5.83 25.89 6.59
C MET D 55 -6.72 27.12 6.41
N GLY D 56 -6.12 28.31 6.45
CA GLY D 56 -6.90 29.54 6.27
C GLY D 56 -6.91 30.06 4.84
N ASN D 57 -6.28 29.33 3.91
CA ASN D 57 -6.25 29.75 2.52
C ASN D 57 -7.69 29.79 2.00
N PRO D 58 -8.19 30.98 1.61
CA PRO D 58 -9.58 31.08 1.13
C PRO D 58 -9.94 30.16 -0.05
N LYS D 59 -8.97 29.88 -0.92
CA LYS D 59 -9.23 28.99 -2.06
C LYS D 59 -9.28 27.53 -1.59
N VAL D 60 -8.45 27.17 -0.62
CA VAL D 60 -8.48 25.81 -0.09
C VAL D 60 -9.85 25.61 0.58
N LYS D 61 -10.30 26.62 1.33
CA LYS D 61 -11.59 26.50 2.01
C LYS D 61 -12.74 26.39 1.03
N ALA D 62 -12.71 27.22 -0.01
CA ALA D 62 -13.74 27.22 -1.05
C ALA D 62 -13.78 25.88 -1.77
N HIS D 63 -12.60 25.36 -2.10
CA HIS D 63 -12.55 24.08 -2.80
C HIS D 63 -13.00 22.94 -1.89
N GLY D 64 -12.68 23.04 -0.61
CA GLY D 64 -13.10 22.02 0.33
C GLY D 64 -14.63 21.91 0.38
N LYS D 65 -15.33 23.04 0.33
CA LYS D 65 -16.78 23.03 0.36
C LYS D 65 -17.32 22.34 -0.90
N LYS D 66 -16.70 22.62 -2.04
CA LYS D 66 -17.11 22.04 -3.33
C LYS D 66 -16.91 20.52 -3.29
N VAL D 67 -15.73 20.09 -2.85
CA VAL D 67 -15.41 18.68 -2.76
C VAL D 67 -16.31 17.90 -1.79
N LEU D 68 -16.47 18.40 -0.57
CA LEU D 68 -17.30 17.67 0.38
C LEU D 68 -18.79 17.80 0.05
N GLY D 69 -19.17 18.88 -0.64
CA GLY D 69 -20.57 19.04 -1.03
C GLY D 69 -20.95 17.89 -1.97
N ALA D 70 -20.01 17.53 -2.86
CA ALA D 70 -20.25 16.45 -3.82
C ALA D 70 -20.26 15.10 -3.11
N PHE D 71 -19.37 14.95 -2.13
CA PHE D 71 -19.27 13.74 -1.32
C PHE D 71 -20.60 13.58 -0.60
N SER D 72 -21.07 14.68 -0.01
CA SER D 72 -22.33 14.68 0.72
C SER D 72 -23.48 14.24 -0.16
N ASP D 73 -23.55 14.78 -1.37
CA ASP D 73 -24.63 14.39 -2.27
C ASP D 73 -24.52 12.91 -2.62
N GLY D 74 -23.30 12.41 -2.62
CA GLY D 74 -23.07 11.00 -2.92
C GLY D 74 -23.64 10.07 -1.86
N LEU D 75 -23.70 10.56 -0.61
CA LEU D 75 -24.22 9.79 0.51
C LEU D 75 -25.72 9.49 0.38
N ALA D 76 -26.40 10.21 -0.50
CA ALA D 76 -27.82 9.99 -0.72
C ALA D 76 -28.00 8.93 -1.80
N HIS D 77 -26.87 8.43 -2.32
CA HIS D 77 -26.91 7.41 -3.36
C HIS D 77 -25.93 6.27 -3.12
N LEU D 78 -25.90 5.76 -1.90
CA LEU D 78 -24.97 4.69 -1.56
C LEU D 78 -25.10 3.41 -2.39
N ASP D 79 -26.28 3.17 -2.94
CA ASP D 79 -26.47 1.98 -3.76
C ASP D 79 -26.08 2.23 -5.22
N ASN D 80 -25.65 3.46 -5.53
CA ASN D 80 -25.26 3.76 -6.91
C ASN D 80 -24.09 4.75 -6.97
N LEU D 81 -23.05 4.51 -6.17
CA LEU D 81 -21.91 5.41 -6.15
C LEU D 81 -21.19 5.53 -7.48
N LYS D 82 -21.01 4.41 -8.19
CA LYS D 82 -20.28 4.49 -9.45
C LYS D 82 -21.02 5.40 -10.44
N GLY D 83 -22.33 5.27 -10.49
CA GLY D 83 -23.10 6.08 -11.41
C GLY D 83 -23.08 7.55 -11.02
N THR D 84 -23.30 7.83 -9.74
CA THR D 84 -23.34 9.20 -9.27
C THR D 84 -22.01 9.93 -9.47
N PHE D 85 -20.88 9.23 -9.35
CA PHE D 85 -19.56 9.86 -9.51
C PHE D 85 -18.91 9.69 -10.88
N ALA D 86 -19.65 9.13 -11.83
CA ALA D 86 -19.14 8.88 -13.18
C ALA D 86 -18.51 10.09 -13.90
N THR D 87 -19.24 11.20 -14.01
CA THR D 87 -18.66 12.35 -14.69
C THR D 87 -17.51 13.00 -13.92
N LEU D 88 -17.57 12.99 -12.59
CA LEU D 88 -16.48 13.53 -11.78
C LEU D 88 -15.26 12.60 -11.92
N SER D 89 -15.48 11.30 -12.09
CA SER D 89 -14.37 10.35 -12.28
C SER D 89 -13.69 10.68 -13.61
N GLU D 90 -14.47 10.81 -14.68
CA GLU D 90 -13.91 11.15 -16.00
C GLU D 90 -13.14 12.46 -15.97
N LEU D 91 -13.69 13.46 -15.28
CA LEU D 91 -13.04 14.75 -15.17
C LEU D 91 -11.67 14.64 -14.44
N HIS D 92 -11.66 13.98 -13.29
CA HIS D 92 -10.43 13.86 -12.52
C HIS D 92 -9.33 13.08 -13.26
N CYS D 93 -9.73 12.14 -14.12
CA CYS D 93 -8.74 11.39 -14.90
C CYS D 93 -8.31 12.16 -16.16
N ASP D 94 -9.26 12.46 -17.02
CA ASP D 94 -8.96 13.11 -18.31
C ASP D 94 -8.53 14.57 -18.28
N LYS D 95 -9.09 15.36 -17.39
CA LYS D 95 -8.77 16.78 -17.34
C LYS D 95 -7.82 17.20 -16.22
N LEU D 96 -8.06 16.70 -15.01
CA LEU D 96 -7.28 17.08 -13.84
C LEU D 96 -6.04 16.21 -13.59
N HIS D 97 -6.05 15.00 -14.15
CA HIS D 97 -4.94 14.06 -14.02
C HIS D 97 -4.59 13.78 -12.56
N VAL D 98 -5.62 13.45 -11.78
CA VAL D 98 -5.44 13.19 -10.37
C VAL D 98 -5.35 11.70 -10.01
N ASP D 99 -4.17 11.29 -9.54
CA ASP D 99 -3.95 9.91 -9.11
C ASP D 99 -5.06 9.58 -8.08
N PRO D 100 -5.83 8.51 -8.32
CA PRO D 100 -6.92 8.14 -7.39
C PRO D 100 -6.47 7.88 -5.94
N GLU D 101 -5.17 7.64 -5.74
CA GLU D 101 -4.65 7.42 -4.39
C GLU D 101 -4.99 8.65 -3.55
N ASN D 102 -5.10 9.81 -4.20
CA ASN D 102 -5.45 11.05 -3.50
C ASN D 102 -6.84 10.97 -2.85
N PHE D 103 -7.76 10.27 -3.50
CA PHE D 103 -9.11 10.12 -2.95
C PHE D 103 -9.05 9.25 -1.68
N ARG D 104 -8.12 8.31 -1.65
CA ARG D 104 -8.00 7.43 -0.49
C ARG D 104 -7.37 8.19 0.67
N LEU D 105 -6.38 9.01 0.36
CA LEU D 105 -5.75 9.78 1.44
C LEU D 105 -6.77 10.78 2.00
N LEU D 106 -7.58 11.40 1.13
CA LEU D 106 -8.57 12.36 1.62
C LEU D 106 -9.57 11.63 2.51
N GLY D 107 -9.92 10.41 2.12
CA GLY D 107 -10.87 9.62 2.89
C GLY D 107 -10.34 9.39 4.31
N ASN D 108 -9.06 9.04 4.44
CA ASN D 108 -8.51 8.83 5.77
C ASN D 108 -8.46 10.12 6.59
N VAL D 109 -8.12 11.22 5.94
CA VAL D 109 -8.10 12.52 6.62
C VAL D 109 -9.54 12.84 7.06
N LEU D 110 -10.51 12.58 6.19
CA LEU D 110 -11.91 12.85 6.55
C LEU D 110 -12.31 12.08 7.81
N VAL D 111 -11.92 10.80 7.88
CA VAL D 111 -12.26 9.98 9.04
C VAL D 111 -11.62 10.58 10.31
N CYS D 112 -10.39 11.07 10.22
CA CYS D 112 -9.73 11.69 11.37
C CYS D 112 -10.47 12.97 11.75
N VAL D 113 -10.94 13.73 10.76
CA VAL D 113 -11.65 14.97 11.05
C VAL D 113 -12.98 14.69 11.77
N LEU D 114 -13.70 13.66 11.33
CA LEU D 114 -14.99 13.29 11.95
C LEU D 114 -14.75 12.83 13.38
N ALA D 115 -13.69 12.08 13.61
CA ALA D 115 -13.36 11.65 14.96
C ALA D 115 -13.01 12.87 15.83
N HIS D 116 -12.24 13.80 15.28
CA HIS D 116 -11.85 14.99 16.03
C HIS D 116 -13.06 15.83 16.43
N HIS D 117 -13.96 16.04 15.48
CA HIS D 117 -15.15 16.85 15.71
C HIS D 117 -16.18 16.19 16.64
N PHE D 118 -16.45 14.91 16.43
CA PHE D 118 -17.45 14.21 17.23
C PHE D 118 -16.97 13.51 18.49
N GLY D 119 -15.66 13.34 18.62
CA GLY D 119 -15.13 12.69 19.81
C GLY D 119 -15.69 11.32 20.11
N LYS D 120 -16.10 11.08 21.36
CA LYS D 120 -16.61 9.77 21.74
C LYS D 120 -17.76 9.26 20.88
N GLU D 121 -18.55 10.16 20.31
CA GLU D 121 -19.67 9.78 19.46
C GLU D 121 -19.19 8.99 18.24
N PHE D 122 -17.96 9.25 17.81
CA PHE D 122 -17.38 8.55 16.66
C PHE D 122 -16.79 7.23 17.18
N THR D 123 -17.70 6.34 17.55
CA THR D 123 -17.36 5.02 18.09
C THR D 123 -16.68 4.09 17.10
N PRO D 124 -16.07 3.01 17.61
CA PRO D 124 -15.40 2.09 16.68
C PRO D 124 -16.35 1.58 15.61
N PRO D 125 -17.60 1.18 15.99
CA PRO D 125 -18.51 0.69 14.95
C PRO D 125 -18.89 1.80 13.95
N VAL D 126 -19.02 3.04 14.45
CA VAL D 126 -19.37 4.15 13.56
C VAL D 126 -18.20 4.38 12.59
N GLN D 127 -16.98 4.30 13.10
CA GLN D 127 -15.81 4.47 12.22
C GLN D 127 -15.80 3.39 11.13
N ALA D 128 -16.04 2.15 11.52
CA ALA D 128 -16.05 1.07 10.54
C ALA D 128 -17.06 1.33 9.40
N ALA D 129 -18.19 1.93 9.73
CA ALA D 129 -19.20 2.23 8.72
C ALA D 129 -18.67 3.29 7.75
N TYR D 130 -18.06 4.32 8.30
CA TYR D 130 -17.48 5.40 7.49
C TYR D 130 -16.27 4.97 6.65
N GLN D 131 -15.51 3.98 7.12
CA GLN D 131 -14.36 3.49 6.35
C GLN D 131 -14.91 2.83 5.08
N LYS D 132 -16.02 2.11 5.21
CA LYS D 132 -16.65 1.49 4.04
C LYS D 132 -17.14 2.59 3.09
N VAL D 133 -17.69 3.66 3.65
CA VAL D 133 -18.17 4.75 2.80
C VAL D 133 -17.04 5.42 2.02
N VAL D 134 -15.98 5.88 2.70
CA VAL D 134 -14.90 6.57 2.00
C VAL D 134 -14.19 5.70 0.95
N ALA D 135 -14.09 4.41 1.23
CA ALA D 135 -13.46 3.47 0.30
C ALA D 135 -14.38 3.36 -0.93
N GLY D 136 -15.69 3.30 -0.70
CA GLY D 136 -16.63 3.19 -1.79
C GLY D 136 -16.64 4.44 -2.65
N VAL D 137 -16.57 5.60 -2.02
CA VAL D 137 -16.54 6.84 -2.78
C VAL D 137 -15.24 6.91 -3.55
N ALA D 138 -14.13 6.55 -2.91
CA ALA D 138 -12.83 6.60 -3.59
C ALA D 138 -12.85 5.65 -4.81
N ASN D 139 -13.42 4.46 -4.63
CA ASN D 139 -13.49 3.49 -5.72
C ASN D 139 -14.38 3.98 -6.85
N ALA D 140 -15.44 4.69 -6.51
CA ALA D 140 -16.35 5.24 -7.51
C ALA D 140 -15.65 6.33 -8.30
N LEU D 141 -14.85 7.16 -7.62
CA LEU D 141 -14.13 8.22 -8.33
C LEU D 141 -13.01 7.69 -9.21
N ALA D 142 -12.50 6.50 -8.91
CA ALA D 142 -11.43 5.89 -9.68
C ALA D 142 -11.92 5.03 -10.84
N HIS D 143 -13.22 4.71 -10.82
CA HIS D 143 -13.80 3.81 -11.80
C HIS D 143 -13.64 4.12 -13.29
N LYS D 144 -13.76 5.38 -13.68
CA LYS D 144 -13.65 5.72 -15.10
C LYS D 144 -12.22 6.00 -15.55
N TYR D 145 -11.22 5.72 -14.71
CA TYR D 145 -9.85 5.97 -15.11
C TYR D 145 -9.47 4.95 -16.17
N HIS D 146 -8.56 5.33 -17.05
CA HIS D 146 -8.18 4.43 -18.14
C HIS D 146 -6.82 4.86 -18.67
CHA HEM E . 11.66 12.11 -13.80
CHB HEM E . 14.08 8.42 -11.86
CHC HEM E . 9.99 6.52 -10.26
CHD HEM E . 7.50 9.96 -12.57
C1A HEM E . 12.68 11.26 -13.37
C2A HEM E . 14.06 11.39 -13.83
C3A HEM E . 14.77 10.34 -13.34
C4A HEM E . 13.77 9.56 -12.54
CMA HEM E . 16.25 9.96 -13.60
CAA HEM E . 14.56 12.43 -14.80
CBA HEM E . 14.93 13.74 -14.07
CGA HEM E . 15.60 14.75 -14.99
O1A HEM E . 14.95 15.23 -15.95
O2A HEM E . 16.79 15.05 -14.77
C1B HEM E . 13.16 7.63 -11.20
C2B HEM E . 13.52 6.36 -10.59
C3B HEM E . 12.38 5.83 -10.07
C4B HEM E . 11.34 6.75 -10.49
CMB HEM E . 14.93 5.84 -10.48
CAB HEM E . 12.22 4.71 -9.22
CBB HEM E . 12.66 3.41 -9.53
C1C HEM E . 8.97 7.37 -10.64
C2C HEM E . 7.57 6.95 -10.61
C3C HEM E . 6.85 7.86 -11.37
C4C HEM E . 7.84 8.86 -11.79
CMC HEM E . 7.04 5.83 -9.72
CAC HEM E . 5.46 8.01 -11.56
CBC HEM E . 4.54 6.95 -11.86
C1D HEM E . 8.41 10.88 -13.01
C2D HEM E . 8.04 12.02 -13.84
C3D HEM E . 9.20 12.63 -14.19
C4D HEM E . 10.30 11.87 -13.56
CMD HEM E . 6.63 12.45 -14.25
CAD HEM E . 9.28 13.81 -15.18
CBD HEM E . 9.57 13.31 -16.59
CGD HEM E . 9.46 14.41 -17.63
O1D HEM E . 10.18 14.35 -18.65
O2D HEM E . 8.67 15.33 -17.44
NA HEM E . 12.52 10.14 -12.57
NB HEM E . 11.84 7.88 -11.12
NC HEM E . 9.13 8.60 -11.31
ND HEM E . 9.80 10.83 -12.78
FE HEM E . 10.85 9.56 -11.59
C1 S1P F . 0.47 -4.41 -7.69
O1 S1P F . 1.48 -4.84 -6.82
C2 S1P F . -0.83 -4.47 -6.93
N2 S1P F . -1.51 -5.72 -7.28
C3 S1P F . -1.73 -3.24 -7.26
O3 S1P F . -1.69 -2.31 -6.16
C4 S1P F . -3.19 -3.58 -7.55
P22 S1P F . 2.81 -3.99 -6.63
O23 S1P F . 3.09 -3.30 -7.99
O24 S1P F . 2.39 -2.92 -5.69
O25 S1P F . 3.90 -4.80 -6.20
C1 S1P G . 5.65 18.07 -13.04
O1 S1P G . 5.58 18.15 -11.60
C2 S1P G . 5.39 16.65 -13.55
N2 S1P G . 5.51 16.76 -15.00
C3 S1P G . 3.95 16.09 -13.18
O3 S1P G . 4.08 14.86 -12.43
C4 S1P G . 3.05 15.78 -14.39
C5 S1P G . 1.78 16.19 -14.41
C6 S1P G . 0.72 15.49 -13.60
C7 S1P G . -0.59 16.25 -13.93
C8 S1P G . -0.85 17.35 -12.94
C9 S1P G . -2.22 17.56 -12.46
C10 S1P G . -2.54 19.03 -12.77
C11 S1P G . -3.21 19.79 -11.64
C12 S1P G . -4.68 19.94 -11.98
C13 S1P G . -5.05 21.38 -11.75
C14 S1P G . -6.52 21.71 -12.06
C15 S1P G . -6.73 23.08 -12.72
C16 S1P G . -7.65 23.09 -13.94
C17 S1P G . -9.02 23.66 -13.59
C18 S1P G . -9.98 23.62 -14.76
P22 S1P G . 4.50 19.04 -10.88
O23 S1P G . 3.62 19.68 -12.00
O24 S1P G . 5.12 20.04 -10.07
O25 S1P G . 3.66 18.05 -10.16
CHA HEM H . -4.09 -24.60 1.88
CHB HEM H . -5.27 -22.65 -2.43
CHC HEM H . -2.40 -18.84 -1.46
CHD HEM H . -1.37 -20.65 2.90
C1A HEM H . -4.65 -24.42 0.62
C2A HEM H . -5.44 -25.46 -0.10
C3A HEM H . -5.72 -24.91 -1.33
C4A HEM H . -5.15 -23.54 -1.34
CMA HEM H . -6.49 -25.58 -2.49
CAA HEM H . -5.99 -26.81 0.44
CBA HEM H . -7.25 -26.53 1.24
CGA HEM H . -7.87 -27.77 1.86
O1A HEM H . -7.21 -28.45 2.66
O2A HEM H . -9.05 -28.07 1.56
C1B HEM H . -4.68 -21.37 -2.46
C2B HEM H . -4.81 -20.43 -3.60
C3B HEM H . -4.00 -19.38 -3.33
C4B HEM H . -3.38 -19.65 -2.04
CMB HEM H . -5.75 -20.57 -4.80
CAB HEM H . -3.78 -18.22 -4.10
CBB HEM H . -3.46 -18.13 -5.49
C1C HEM H . -1.83 -19.05 -0.19
C2C HEM H . -0.80 -18.18 0.40
C3C HEM H . -0.56 -18.62 1.67
C4C HEM H . -1.39 -19.81 1.81
CMC HEM H . -0.17 -17.03 -0.34
CAC HEM H . 0.28 -18.09 2.66
CBC HEM H . 1.56 -17.51 2.39
C1D HEM H . -2.06 -21.87 3.00
C2D HEM H . -1.89 -22.80 4.12
C3D HEM H . -2.62 -23.88 3.84
C4D HEM H . -3.24 -23.65 2.53
CMD HEM H . -0.99 -22.58 5.34
CAD HEM H . -2.76 -25.14 4.72
CBD HEM H . -1.55 -26.02 4.47
CGD HEM H . -1.58 -27.30 5.29
O1D HEM H . -2.57 -28.05 5.19
O2D HEM H . -0.60 -27.54 6.04
NA HEM H . -4.49 -23.25 -0.15
NB HEM H . -3.87 -20.81 -1.46
NC HEM H . -2.18 -20.06 0.68
ND HEM H . -2.89 -22.38 2.01
FE HEM H . -3.61 -21.46 0.42
C3 DG2 I . -16.95 -4.41 -5.60
C4 DG2 I . -16.80 -3.61 -6.89
O2 DG2 I . -17.36 -5.75 -5.90
O5 DG2 I . -16.18 -4.41 -7.89
O7 DG2 I . -14.60 -4.82 -5.29
O8 DG2 I . -15.76 -4.10 -3.54
O9 DG2 I . -18.35 -6.58 -3.63
O10 DG2 I . -19.93 -5.55 -5.45
O11 DG2 I . -18.85 -7.90 -5.83
P1 DG2 I . -18.63 -6.44 -5.21
C7 DG2 I . -15.66 -4.46 -4.82
P6 DG2 I . -15.95 -3.87 -9.37
O15 DG2 I . -14.87 -4.80 -10.12
O14 DG2 I . -15.40 -2.37 -9.32
O13 DG2 I . -17.33 -3.90 -10.18
CHA HEM J . 3.16 -7.91 20.13
CHB HEM J . 4.13 -3.18 19.67
CHC HEM J . 2.04 -3.10 15.25
CHD HEM J . 0.66 -7.78 15.95
C1A HEM J . 3.62 -6.62 20.36
C2A HEM J . 4.19 -6.19 21.64
C3A HEM J . 4.45 -4.87 21.52
C4A HEM J . 4.06 -4.50 20.15
CMA HEM J . 5.02 -3.95 22.63
CAA HEM J . 4.48 -7.03 22.90
CBA HEM J . 5.83 -7.70 22.84
CGA HEM J . 6.21 -8.35 24.16
O1A HEM J . 5.42 -9.17 24.67
O2A HEM J . 7.29 -8.04 24.68
C1B HEM J . 3.63 -2.77 18.39
C2B HEM J . 3.69 -1.40 17.90
C3B HEM J . 3.12 -1.35 16.65
C4B HEM J . 2.73 -2.73 16.39
CMB HEM J . 4.25 -0.24 18.68
CAB HEM J . 2.96 -0.23 15.82
CBB HEM J . 2.27 0.95 16.27
C1C HEM J . 1.53 -4.41 15.07
C2C HEM J . 0.60 -4.74 14.02
C3C HEM J . 0.12 -6.01 14.23
C4C HEM J . 0.83 -6.50 15.43
CMC HEM J . 0.21 -3.80 12.88
CAC HEM J . -0.87 -6.68 13.50
CBC HEM J . -2.11 -6.08 13.03
C1D HEM J . 1.30 -8.23 17.11
C2D HEM J . 1.08 -9.56 17.67
C3D HEM J . 1.84 -9.62 18.81
C4D HEM J . 2.45 -8.31 18.99
CMD HEM J . 0.05 -10.59 17.22
CAD HEM J . 1.83 -10.74 19.84
CBD HEM J . 0.67 -10.60 20.83
CGD HEM J . 0.57 -11.77 21.81
O1D HEM J . 0.30 -11.52 23.00
O2D HEM J . 0.75 -12.92 21.38
NA HEM J . 3.53 -5.57 19.45
NB HEM J . 3.06 -3.62 17.45
NC HEM J . 1.72 -5.52 15.93
ND HEM J . 2.14 -7.46 17.91
FE HEM J . 2.97 -5.65 17.50
C1 S1P K . -7.01 3.39 6.28
O1 S1P K . -5.86 3.27 5.44
C2 S1P K . -8.23 3.17 5.42
P22 S1P K . -4.41 3.46 6.04
O23 S1P K . -4.38 4.94 6.58
O24 S1P K . -4.32 2.54 7.20
O25 S1P K . -3.42 3.29 5.02
C1 S1P L . 3.92 -15.91 16.90
O1 S1P L . 3.90 -15.80 15.47
C2 S1P L . 2.78 -15.10 17.50
N2 S1P L . 1.94 -16.03 18.28
C3 S1P L . 1.88 -14.30 16.46
O3 S1P L . 2.04 -12.88 16.67
C4 S1P L . 0.42 -14.67 16.56
C5 S1P L . -0.35 -14.69 15.48
C6 S1P L . -0.93 -15.98 15.02
C7 S1P L . -1.77 -15.65 13.76
C8 S1P L . -1.08 -16.03 12.51
C9 S1P L . -1.87 -16.16 11.28
P22 S1P L . 4.33 -17.08 14.60
O23 S1P L . 5.39 -16.78 13.67
O24 S1P L . 3.06 -17.49 14.00
O25 S1P L . 4.73 -18.23 15.60
CHA HEM M . -12.34 19.78 -8.76
CHB HEM M . -15.10 16.68 -6.21
CHC HEM M . -11.09 14.71 -4.27
CHD HEM M . -8.31 17.75 -6.91
C1A HEM M . -13.43 19.10 -8.18
C2A HEM M . -14.82 19.52 -8.40
C3A HEM M . -15.59 18.69 -7.66
C4A HEM M . -14.68 17.69 -7.06
CMA HEM M . -17.13 18.69 -7.49
CAA HEM M . -15.19 20.62 -9.41
CBA HEM M . -15.15 20.07 -10.85
CGA HEM M . -15.08 21.16 -11.90
O1A HEM M . -15.81 21.06 -12.92
O2A HEM M . -14.29 22.12 -11.75
C1B HEM M . -14.23 15.82 -5.49
C2B HEM M . -14.67 14.74 -4.61
C3B HEM M . -13.57 14.20 -4.02
C4B HEM M . -12.43 14.89 -4.66
CMB HEM M . -16.10 14.23 -4.42
CAB HEM M . -13.49 13.11 -3.11
CBB HEM M . -14.34 12.91 -1.94
C1C HEM M . -10.00 15.43 -4.79
C2C HEM M . -8.59 15.28 -4.28
C3C HEM M . -7.80 16.04 -5.10
C4C HEM M . -8.73 16.73 -6.03
CMC HEM M . -8.15 14.49 -3.05
CAC HEM M . -6.39 16.07 -5.16
CBC HEM M . -5.54 16.33 -4.02
C1D HEM M . -9.16 18.56 -7.65
C2D HEM M . -8.69 19.63 -8.55
C3D HEM M . -9.82 20.21 -9.00
C4D HEM M . -10.98 19.48 -8.48
CMD HEM M . -7.23 20.06 -8.84
CAD HEM M . -9.85 21.46 -9.85
CBD HEM M . -9.63 22.68 -8.97
CGD HEM M . -9.60 23.95 -9.77
O1D HEM M . -8.50 24.51 -10.00
O2D HEM M . -10.67 24.39 -10.20
NA HEM M . -13.37 17.97 -7.36
NB HEM M . -12.85 15.87 -5.56
NC HEM M . -10.05 16.33 -5.85
ND HEM M . -10.57 18.43 -7.66
FE HEM M . -11.68 16.93 -6.84
C1 S1P N . 4.83 17.52 -14.67
O1 S1P N . 6.11 16.87 -14.68
C2 S1P N . 3.71 16.53 -14.83
N2 S1P N . 2.46 17.27 -14.90
C3 S1P N . 3.69 15.48 -13.63
O3 S1P N . 4.06 14.19 -14.02
C4 S1P N . 2.39 15.36 -12.79
C5 S1P N . 1.18 15.78 -13.19
C6 S1P N . -0.06 15.30 -12.50
C7 S1P N . -1.23 16.02 -13.23
C8 S1P N . -1.77 17.16 -12.41
C9 S1P N . -2.58 18.20 -13.06
C10 S1P N . -3.47 18.76 -11.95
C11 S1P N . -3.74 20.25 -12.00
C12 S1P N . -5.13 20.44 -12.54
C13 S1P N . -5.68 21.70 -11.92
C14 S1P N . -7.10 22.07 -12.35
C15 S1P N . -7.18 23.35 -13.20
C16 S1P N . -8.10 23.29 -14.41
C17 S1P N . -9.55 23.44 -13.98
C18 S1P N . -10.51 23.48 -15.16
P22 S1P N . 7.41 17.74 -15.00
O23 S1P N . 6.90 19.21 -15.16
O24 S1P N . 8.07 17.31 -16.20
O25 S1P N . 8.22 17.68 -13.76
C3 DG2 O . -17.05 -5.55 -7.16
C4 DG2 O . -17.59 -5.71 -5.76
O2 DG2 O . -15.67 -5.95 -7.20
O5 DG2 O . -17.48 -4.46 -5.07
O7 DG2 O . -17.70 -7.60 -8.22
O8 DG2 O . -18.65 -5.71 -8.93
O9 DG2 O . -14.70 -3.71 -8.15
O10 DG2 O . -14.34 -4.34 -5.63
O11 DG2 O . -13.09 -5.65 -7.52
P1 DG2 O . -14.45 -4.91 -7.13
C7 DG2 O . -17.82 -6.38 -8.14
P6 DG2 O . -18.75 -3.52 -4.84
O15 DG2 O . -19.91 -4.35 -4.09
O14 DG2 O . -19.31 -3.00 -6.25
O13 DG2 O . -18.33 -2.28 -3.94
#